data_1PFE
# 
_entry.id   1PFE 
# 
_audit_conform.dict_name       mmcif_pdbx.dic 
_audit_conform.dict_version    5.389 
_audit_conform.dict_location   http://mmcif.pdb.org/dictionaries/ascii/mmcif_pdbx.dic 
# 
loop_
_database_2.database_id 
_database_2.database_code 
_database_2.pdbx_database_accession 
_database_2.pdbx_DOI 
PDB   1PFE         pdb_00001pfe 10.2210/pdb1pfe/pdb 
NDB   DD0057       ?            ?                   
RCSB  RCSB019291   ?            ?                   
WWPDB D_1000019291 ?            ?                   
# 
loop_
_pdbx_audit_revision_history.ordinal 
_pdbx_audit_revision_history.data_content_type 
_pdbx_audit_revision_history.major_revision 
_pdbx_audit_revision_history.minor_revision 
_pdbx_audit_revision_history.revision_date 
1 'Structure model' 1 0 2004-06-08 
2 'Structure model' 1 1 2011-06-14 
3 'Structure model' 1 2 2011-07-13 
4 'Structure model' 1 3 2011-07-27 
5 'Structure model' 1 4 2012-12-12 
6 'Structure model' 1 5 2024-04-03 
# 
_pdbx_audit_revision_details.ordinal             1 
_pdbx_audit_revision_details.revision_ordinal    1 
_pdbx_audit_revision_details.data_content_type   'Structure model' 
_pdbx_audit_revision_details.provider            repository 
_pdbx_audit_revision_details.type                'Initial release' 
_pdbx_audit_revision_details.description         ? 
_pdbx_audit_revision_details.details             ? 
# 
loop_
_pdbx_audit_revision_group.ordinal 
_pdbx_audit_revision_group.revision_ordinal 
_pdbx_audit_revision_group.data_content_type 
_pdbx_audit_revision_group.group 
1  2 'Structure model' 'Version format compliance' 
2  3 'Structure model' 'Version format compliance' 
3  4 'Structure model' 'Atomic model'              
4  4 'Structure model' 'Database references'       
5  4 'Structure model' 'Derived calculations'      
6  4 'Structure model' 'Non-polymer description'   
7  4 'Structure model' 'Structure summary'         
8  5 'Structure model' Other                       
9  6 'Structure model' Advisory                    
10 6 'Structure model' 'Data collection'           
11 6 'Structure model' 'Database references'       
12 6 'Structure model' 'Derived calculations'      
13 6 'Structure model' 'Refinement description'    
# 
loop_
_pdbx_audit_revision_category.ordinal 
_pdbx_audit_revision_category.revision_ordinal 
_pdbx_audit_revision_category.data_content_type 
_pdbx_audit_revision_category.category 
1 6 'Structure model' chem_comp_atom                
2 6 'Structure model' chem_comp_bond                
3 6 'Structure model' database_2                    
4 6 'Structure model' diffrn_source                 
5 6 'Structure model' pdbx_initial_refinement_model 
6 6 'Structure model' pdbx_validate_polymer_linkage 
7 6 'Structure model' struct_conn                   
8 6 'Structure model' struct_ref_seq_dif            
9 6 'Structure model' struct_site                   
# 
loop_
_pdbx_audit_revision_item.ordinal 
_pdbx_audit_revision_item.revision_ordinal 
_pdbx_audit_revision_item.data_content_type 
_pdbx_audit_revision_item.item 
1  6 'Structure model' '_database_2.pdbx_DOI'                 
2  6 'Structure model' '_database_2.pdbx_database_accession'  
3  6 'Structure model' '_diffrn_source.pdbx_synchrotron_site' 
4  6 'Structure model' '_struct_conn.pdbx_dist_value'         
5  6 'Structure model' '_struct_conn.pdbx_leaving_atom_flag'  
6  6 'Structure model' '_struct_conn.pdbx_ptnr1_label_alt_id' 
7  6 'Structure model' '_struct_conn.pdbx_ptnr2_label_alt_id' 
8  6 'Structure model' '_struct_conn.ptnr1_auth_comp_id'      
9  6 'Structure model' '_struct_conn.ptnr1_label_atom_id'     
10 6 'Structure model' '_struct_conn.ptnr1_label_comp_id'     
11 6 'Structure model' '_struct_conn.ptnr2_auth_comp_id'      
12 6 'Structure model' '_struct_conn.ptnr2_auth_seq_id'       
13 6 'Structure model' '_struct_conn.ptnr2_label_asym_id'     
14 6 'Structure model' '_struct_conn.ptnr2_label_atom_id'     
15 6 'Structure model' '_struct_conn.ptnr2_label_comp_id'     
16 6 'Structure model' '_struct_conn.ptnr2_label_seq_id'      
17 6 'Structure model' '_struct_ref_seq_dif.details'          
18 6 'Structure model' '_struct_site.pdbx_auth_asym_id'       
19 6 'Structure model' '_struct_site.pdbx_auth_comp_id'       
20 6 'Structure model' '_struct_site.pdbx_auth_seq_id'        
# 
_pdbx_database_status.status_code                     REL 
_pdbx_database_status.entry_id                        1PFE 
_pdbx_database_status.recvd_initial_deposition_date   2003-05-26 
_pdbx_database_status.deposit_site                    RCSB 
_pdbx_database_status.process_site                    RCSB 
_pdbx_database_status.status_code_sf                  REL 
_pdbx_database_status.status_code_mr                  ? 
_pdbx_database_status.SG_entry                        ? 
_pdbx_database_status.status_code_cs                  ? 
_pdbx_database_status.methods_development_category    ? 
_pdbx_database_status.pdb_format_compatible           Y 
_pdbx_database_status.status_code_nmr_data            ? 
# 
loop_
_pdbx_database_related.db_name 
_pdbx_database_related.db_id 
_pdbx_database_related.content_type 
_pdbx_database_related.details 
PDB 185D unspecified 'SOLUTION STRUCTURE OF D(GACGTC) COMPLEXED WITH TRIOSTIN A'                                 
PDB 193D unspecified 'SOLUTION STRUCTURE OF D(ACACGTGT) COMPLEXED WITH QUINOMYCIN UK-6305'                       
PDB 1VS2 unspecified 'CRYSTAL STRUCTURE OF D(GCGTACGC) COMPLEXED WITH TRIOSIN A'                                 
PDB 1XVK unspecified 'CRYSTAL STRUCTURE OF D(GCGTACGC) COMPLEXED WITH ECHINOMYCIN - SPACE GROUP P632'            
PDB 1XVN unspecified 'CRYSTAL STRUCTURE OF D(ACGTACGT) COMPLEXED WITH ECHINOMYCIN - SPACE GROUP P632'            
PDB 1XVR unspecified 'CRYSTAL STRUCTURE OF D(CGTACG) COMPLEXED WITH ECHINOMYCIN - SPACE GROUP C21'               
PDB 2ADW unspecified 'CRYSTAL STRUCTURE OF D(ACGTACGT) COMPLEXED WITH ECHINOMYCIN - SPACE GROUP P42212'          
PDB 2DA8 unspecified 'SOLUTION STRUCTURE OF D(GATATC) COMPLEXED WITH A MODIFIED TRIOSTIN A AT POSITIONS 4 AND 8' 
PDB 3GO3 unspecified 'CRYSTAL STRUCTURE OF D(ACGTACGT) COMPLEXED WITH ECHINOMYCIN - SPACE GROUP P41212'          
# 
_audit_author.name           'Cuesta-Seijo, J.A.' 
_audit_author.pdbx_ordinal   1 
# 
_citation.id                        primary 
_citation.title                     'Structures of Complexes between Echinomycin and Duplex DNA.' 
_citation.journal_abbrev            'Acta Crystallogr.,Sect.D' 
_citation.journal_volume            61 
_citation.page_first                442 
_citation.page_last                 ? 
_citation.year                      2005 
_citation.journal_id_ASTM           ABCRE6 
_citation.country                   DK 
_citation.journal_id_ISSN           0907-4449 
_citation.journal_id_CSD            0766 
_citation.book_publisher            ? 
_citation.pdbx_database_id_PubMed   15805599 
_citation.pdbx_database_id_DOI      10.1107/S090744490500137X 
# 
loop_
_citation_author.citation_id 
_citation_author.name 
_citation_author.ordinal 
_citation_author.identifier_ORCID 
primary 'Cuesta-Seijo, J.A.' 1 ? 
primary 'Sheldrick, G.M.'    2 ? 
# 
loop_
_entity.id 
_entity.type 
_entity.src_method 
_entity.pdbx_description 
_entity.formula_weight 
_entity.pdbx_number_of_molecules 
_entity.pdbx_ec 
_entity.pdbx_mutation 
_entity.pdbx_fragment 
_entity.details 
1 polymer     syn "5'-D(*GP*CP*GP*TP*AP*CP*GP*C)-3'" 2427.605 1  ? ? ? ? 
2 polymer     nat ECHINOMYCIN                        809.008  1  ? ? ? ? 
3 non-polymer syn 'CHLORIDE ION'                     35.453   1  ? ? ? ? 
4 non-polymer syn 2-CARBOXYQUINOXALINE               174.156  2  ? ? ? ? 
5 water       nat water                              18.015   80 ? ? ? ? 
# 
_entity_name_com.entity_id   2 
_entity_name_com.name        'QUINOMYCIN A' 
# 
loop_
_entity_poly.entity_id 
_entity_poly.type 
_entity_poly.nstd_linkage 
_entity_poly.nstd_monomer 
_entity_poly.pdbx_seq_one_letter_code 
_entity_poly.pdbx_seq_one_letter_code_can 
_entity_poly.pdbx_strand_id 
_entity_poly.pdbx_target_identifier 
1 polydeoxyribonucleotide no no  '(DG)(DC)(DG)(DT)(DA)(DC)(DG)(DC)' GCGTACGC A ? 
2 'polypeptide(L)'        no yes '(DSN)A(N2C)(MVA)(DSN)A(NCY)(MVA)' SAXVSAXV B ? 
# 
loop_
_pdbx_entity_nonpoly.entity_id 
_pdbx_entity_nonpoly.name 
_pdbx_entity_nonpoly.comp_id 
3 'CHLORIDE ION'       CL  
4 2-CARBOXYQUINOXALINE QUI 
5 water                HOH 
# 
loop_
_entity_poly_seq.entity_id 
_entity_poly_seq.num 
_entity_poly_seq.mon_id 
_entity_poly_seq.hetero 
1 1 DG  n 
1 2 DC  n 
1 3 DG  n 
1 4 DT  n 
1 5 DA  n 
1 6 DC  n 
1 7 DG  n 
1 8 DC  n 
2 1 DSN n 
2 2 ALA n 
2 3 N2C y 
2 3 NCY y 
2 4 MVA n 
2 5 DSN n 
2 6 ALA n 
2 7 NCY y 
2 7 N2C y 
2 8 MVA n 
# 
_entity_src_nat.entity_id                  2 
_entity_src_nat.pdbx_src_id                1 
_entity_src_nat.pdbx_alt_source_flag       sample 
_entity_src_nat.pdbx_beg_seq_num           ? 
_entity_src_nat.pdbx_end_seq_num           ? 
_entity_src_nat.common_name                ? 
_entity_src_nat.pdbx_organism_scientific   'STREPTOMYCES ECHINATUS' 
_entity_src_nat.pdbx_ncbi_taxonomy_id      67293 
_entity_src_nat.genus                      ? 
_entity_src_nat.species                    ? 
_entity_src_nat.strain                     ? 
_entity_src_nat.tissue                     ? 
_entity_src_nat.tissue_fraction            ? 
_entity_src_nat.pdbx_secretion             ? 
_entity_src_nat.pdbx_fragment              ? 
_entity_src_nat.pdbx_variant               ? 
_entity_src_nat.pdbx_cell_line             ? 
_entity_src_nat.pdbx_atcc                  ? 
_entity_src_nat.pdbx_cellular_location     ? 
_entity_src_nat.pdbx_organ                 ? 
_entity_src_nat.pdbx_organelle             ? 
_entity_src_nat.pdbx_cell                  ? 
_entity_src_nat.pdbx_plasmid_name          ? 
_entity_src_nat.pdbx_plasmid_details       ? 
_entity_src_nat.details                    ? 
# 
loop_
_chem_comp.id 
_chem_comp.type 
_chem_comp.mon_nstd_flag 
_chem_comp.name 
_chem_comp.pdbx_synonyms 
_chem_comp.formula 
_chem_comp.formula_weight 
ALA 'L-peptide linking' y ALANINE                              ? 'C3 H7 N O2'      89.093  
CL  non-polymer         . 'CHLORIDE ION'                       ? 'Cl -1'           35.453  
DA  'DNA linking'       y "2'-DEOXYADENOSINE-5'-MONOPHOSPHATE" ? 'C10 H14 N5 O6 P' 331.222 
DC  'DNA linking'       y "2'-DEOXYCYTIDINE-5'-MONOPHOSPHATE"  ? 'C9 H14 N3 O7 P'  307.197 
DG  'DNA linking'       y "2'-DEOXYGUANOSINE-5'-MONOPHOSPHATE" ? 'C10 H14 N5 O7 P' 347.221 
DSN 'D-peptide linking' . D-SERINE                             ? 'C3 H7 N O3'      105.093 
DT  'DNA linking'       y "THYMIDINE-5'-MONOPHOSPHATE"         ? 'C10 H15 N2 O8 P' 322.208 
HOH non-polymer         . WATER                                ? 'H2 O'            18.015  
MVA 'L-peptide linking' n N-METHYLVALINE                       ? 'C6 H13 N O2'     131.173 
N2C 'L-peptide linking' . N,S-DIMETHYLCYSTEINE                 ? 'C5 H11 N O2 S'   149.211 
NCY 'L-peptide linking' . N-METHYLCYSTEINE                     ? 'C4 H9 N O2 S'    135.185 
QUI non-polymer         . 2-CARBOXYQUINOXALINE                 ? 'C9 H6 N2 O2'     174.156 
# 
loop_
_pdbx_poly_seq_scheme.asym_id 
_pdbx_poly_seq_scheme.entity_id 
_pdbx_poly_seq_scheme.seq_id 
_pdbx_poly_seq_scheme.mon_id 
_pdbx_poly_seq_scheme.ndb_seq_num 
_pdbx_poly_seq_scheme.pdb_seq_num 
_pdbx_poly_seq_scheme.auth_seq_num 
_pdbx_poly_seq_scheme.pdb_mon_id 
_pdbx_poly_seq_scheme.auth_mon_id 
_pdbx_poly_seq_scheme.pdb_strand_id 
_pdbx_poly_seq_scheme.pdb_ins_code 
_pdbx_poly_seq_scheme.hetero 
A 1 1 DG  1 1 1 DG  DG  A . n 
A 1 2 DC  2 2 2 DC  DC  A . n 
A 1 3 DG  3 3 3 DG  DG  A . n 
A 1 4 DT  4 4 4 DT  DT  A . n 
A 1 5 DA  5 5 5 DA  DA  A . n 
A 1 6 DC  6 6 6 DC  DC  A . n 
A 1 7 DG  7 7 7 DG  DG  A . n 
A 1 8 DC  8 8 8 DC  DC  A . n 
B 2 1 DSN 1 1 1 DSN DSN B . n 
B 2 2 ALA 2 2 2 ALA ALA B . n 
B 2 3 N2C 3 3 3 N2C N2C B . y 
B 2 3 NCY 3 3 3 NCY NCY B . y 
B 2 4 MVA 4 4 4 MVA MVA B . n 
B 2 5 DSN 5 5 5 DSN DSN B . n 
B 2 6 ALA 6 6 6 ALA ALA B . n 
B 2 7 NCY 7 7 7 NCY NCY B . y 
B 2 7 N2C 7 7 7 N2C N2C B . y 
B 2 8 MVA 8 8 8 MVA MVA B . n 
# 
loop_
_pdbx_nonpoly_scheme.asym_id 
_pdbx_nonpoly_scheme.entity_id 
_pdbx_nonpoly_scheme.mon_id 
_pdbx_nonpoly_scheme.ndb_seq_num 
_pdbx_nonpoly_scheme.pdb_seq_num 
_pdbx_nonpoly_scheme.auth_seq_num 
_pdbx_nonpoly_scheme.pdb_mon_id 
_pdbx_nonpoly_scheme.auth_mon_id 
_pdbx_nonpoly_scheme.pdb_strand_id 
_pdbx_nonpoly_scheme.pdb_ins_code 
C 3 CL  1  20   20   CL  CL  A . 
D 4 QUI 1  0    0    QUI QUI B . 
E 4 QUI 1  9    9    QUI QUI B . 
F 5 HOH 1  2001 2001 HOH HOH A . 
F 5 HOH 2  2002 2002 HOH HOH A . 
F 5 HOH 3  2003 2003 HOH HOH A . 
F 5 HOH 4  2004 2004 HOH HOH A . 
F 5 HOH 5  2005 2005 HOH HOH A . 
F 5 HOH 6  2006 2006 HOH HOH A . 
F 5 HOH 7  2007 2007 HOH HOH A . 
F 5 HOH 8  2008 2008 HOH HOH A . 
F 5 HOH 9  2009 2009 HOH HOH A . 
F 5 HOH 10 2010 2010 HOH HOH A . 
F 5 HOH 11 2011 2011 HOH HOH A . 
F 5 HOH 12 2012 2012 HOH HOH A . 
F 5 HOH 13 2013 2013 HOH HOH A . 
F 5 HOH 14 2014 2014 HOH HOH A . 
F 5 HOH 15 2015 2015 HOH HOH A . 
F 5 HOH 16 2016 2016 HOH HOH A . 
F 5 HOH 17 2017 2017 HOH HOH A . 
F 5 HOH 18 2018 2018 HOH HOH A . 
F 5 HOH 19 2019 2019 HOH HOH A . 
F 5 HOH 20 2020 2020 HOH HOH A . 
F 5 HOH 21 2021 2021 HOH HOH A . 
F 5 HOH 22 2022 2022 HOH HOH A . 
F 5 HOH 23 2023 2023 HOH HOH A . 
F 5 HOH 24 2024 2024 HOH HOH A . 
F 5 HOH 25 2025 2025 HOH HOH A . 
F 5 HOH 26 2026 2026 HOH HOH A . 
F 5 HOH 27 2027 2027 HOH HOH A . 
F 5 HOH 28 2028 2028 HOH HOH A . 
F 5 HOH 29 2029 2029 HOH HOH A . 
F 5 HOH 30 2030 2030 HOH HOH A . 
F 5 HOH 31 2031 2031 HOH HOH A . 
F 5 HOH 32 2032 2032 HOH HOH A . 
F 5 HOH 33 2033 2033 HOH HOH A . 
F 5 HOH 34 2034 2034 HOH HOH A . 
F 5 HOH 35 2035 2035 HOH HOH A . 
F 5 HOH 36 2036 2036 HOH HOH A . 
F 5 HOH 37 2037 2037 HOH HOH A . 
F 5 HOH 38 2038 2038 HOH HOH A . 
F 5 HOH 39 2039 2039 HOH HOH A . 
F 5 HOH 40 2040 2040 HOH HOH A . 
F 5 HOH 41 2041 2041 HOH HOH A . 
F 5 HOH 42 2042 2042 HOH HOH A . 
F 5 HOH 43 2043 2043 HOH HOH A . 
F 5 HOH 44 2044 2044 HOH HOH A . 
F 5 HOH 45 2045 2045 HOH HOH A . 
F 5 HOH 46 2046 2046 HOH HOH A . 
F 5 HOH 47 2047 2047 HOH HOH A . 
F 5 HOH 48 2048 2048 HOH HOH A . 
F 5 HOH 49 2049 2049 HOH HOH A . 
F 5 HOH 50 2050 2050 HOH HOH A . 
F 5 HOH 51 2051 2051 HOH HOH A . 
F 5 HOH 52 2052 2052 HOH HOH A . 
F 5 HOH 53 2053 2053 HOH HOH A . 
F 5 HOH 54 2054 2054 HOH HOH A . 
F 5 HOH 55 2055 2055 HOH HOH A . 
F 5 HOH 56 2056 2056 HOH HOH A . 
F 5 HOH 57 2057 2057 HOH HOH A . 
F 5 HOH 58 2058 2058 HOH HOH A . 
F 5 HOH 59 2059 2059 HOH HOH A . 
F 5 HOH 60 2060 2060 HOH HOH A . 
F 5 HOH 61 2061 2061 HOH HOH A . 
F 5 HOH 62 2062 2062 HOH HOH A . 
F 5 HOH 63 2063 2063 HOH HOH A . 
F 5 HOH 64 2064 2064 HOH HOH A . 
F 5 HOH 65 2065 2065 HOH HOH A . 
F 5 HOH 66 2066 2066 HOH HOH A . 
F 5 HOH 67 2067 2067 HOH HOH A . 
F 5 HOH 68 2068 2068 HOH HOH A . 
F 5 HOH 69 2069 2069 HOH HOH A . 
F 5 HOH 70 2070 2070 HOH HOH A . 
G 5 HOH 1  2001 2001 HOH HOH B . 
G 5 HOH 2  2002 2002 HOH HOH B . 
G 5 HOH 3  2003 2003 HOH HOH B . 
G 5 HOH 4  2004 2004 HOH HOH B . 
G 5 HOH 5  2005 2005 HOH HOH B . 
G 5 HOH 6  2006 2006 HOH HOH B . 
G 5 HOH 7  2007 2007 HOH HOH B . 
G 5 HOH 8  2008 2008 HOH HOH B . 
G 5 HOH 9  2009 2009 HOH HOH B . 
G 5 HOH 10 2010 2010 HOH HOH B . 
# 
loop_
_pdbx_unobs_or_zero_occ_atoms.id 
_pdbx_unobs_or_zero_occ_atoms.PDB_model_num 
_pdbx_unobs_or_zero_occ_atoms.polymer_flag 
_pdbx_unobs_or_zero_occ_atoms.occupancy_flag 
_pdbx_unobs_or_zero_occ_atoms.auth_asym_id 
_pdbx_unobs_or_zero_occ_atoms.auth_comp_id 
_pdbx_unobs_or_zero_occ_atoms.auth_seq_id 
_pdbx_unobs_or_zero_occ_atoms.PDB_ins_code 
_pdbx_unobs_or_zero_occ_atoms.auth_atom_id 
_pdbx_unobs_or_zero_occ_atoms.label_alt_id 
_pdbx_unobs_or_zero_occ_atoms.label_asym_id 
_pdbx_unobs_or_zero_occ_atoms.label_comp_id 
_pdbx_unobs_or_zero_occ_atoms.label_seq_id 
_pdbx_unobs_or_zero_occ_atoms.label_atom_id 
1 1 Y 1 B N2C 3 ? CD ? B N2C 3 CD 
2 1 Y 1 B NCY 7 ? CD ? B NCY 7 CD 
# 
loop_
_software.name 
_software.classification 
_software.version 
_software.citation_id 
_software.pdbx_ordinal 
EPMR      phasing          . ? 1 
SHELXL-97 refinement       . ? 2 
DENZO     'data reduction' . ? 3 
SCALEPACK 'data scaling'   . ? 4 
# 
_cell.entry_id           1PFE 
_cell.length_a           39.374 
_cell.length_b           39.374 
_cell.length_c           79.734 
_cell.angle_alpha        90.00 
_cell.angle_beta         90.00 
_cell.angle_gamma        120.00 
_cell.Z_PDB              12 
_cell.pdbx_unique_axis   ? 
_cell.length_a_esd       ? 
_cell.length_b_esd       ? 
_cell.length_c_esd       ? 
_cell.angle_alpha_esd    ? 
_cell.angle_beta_esd     ? 
_cell.angle_gamma_esd    ? 
# 
_symmetry.entry_id                         1PFE 
_symmetry.space_group_name_H-M             'P 63 2 2' 
_symmetry.pdbx_full_space_group_name_H-M   ? 
_symmetry.cell_setting                     ? 
_symmetry.Int_Tables_number                182 
_symmetry.space_group_name_Hall            ? 
# 
_exptl.entry_id          1PFE 
_exptl.method            'X-RAY DIFFRACTION' 
_exptl.crystals_number   1 
# 
_exptl_crystal.id                    1 
_exptl_crystal.density_meas          ? 
_exptl_crystal.density_Matthews      3.51 
_exptl_crystal.density_percent_sol   64.98 
_exptl_crystal.description           ? 
_exptl_crystal.F_000                 ? 
_exptl_crystal.preparation           ? 
# 
_exptl_crystal_grow.crystal_id      1 
_exptl_crystal_grow.method          ? 
_exptl_crystal_grow.temp            ? 
_exptl_crystal_grow.temp_details    ? 
_exptl_crystal_grow.pH              4.5 
_exptl_crystal_grow.pdbx_pH_range   ? 
_exptl_crystal_grow.pdbx_details    
'LI2SO4, MGCL2, METHANOL, NAAC, SPERMINE, PH 4.5, VAPOR DIFFUSION, HANGING DROP, TEMPERATURE 293K' 
# 
loop_
_exptl_crystal_grow_comp.crystal_id 
_exptl_crystal_grow_comp.id 
_exptl_crystal_grow_comp.sol_id 
_exptl_crystal_grow_comp.name 
_exptl_crystal_grow_comp.volume 
_exptl_crystal_grow_comp.conc 
_exptl_crystal_grow_comp.details 
1 1 1 Li2SO4   ? ? ? 
1 2 1 MgCl2    ? ? ? 
1 3 1 Methanol ? ? ? 
1 4 1 NaAc     ? ? ? 
1 5 1 Spermine ? ? ? 
1 6 1 H2O      ? ? ? 
1 7 2 MgCl2    ? ? ? 
# 
_diffrn.id                     1 
_diffrn.ambient_temp           100 
_diffrn.ambient_temp_details   ? 
_diffrn.crystal_id             1 
# 
_diffrn_detector.diffrn_id              1 
_diffrn_detector.detector               CCD 
_diffrn_detector.type                   MARRESEARCH 
_diffrn_detector.pdbx_collection_date   2002-11-19 
_diffrn_detector.details                ? 
# 
_diffrn_radiation.diffrn_id                        1 
_diffrn_radiation.wavelength_id                    1 
_diffrn_radiation.pdbx_monochromatic_or_laue_m_l   M 
_diffrn_radiation.monochromator                    'TRIANGULAR MONOCHROMATOR' 
_diffrn_radiation.pdbx_diffrn_protocol             'SINGLE WAVELENGTH' 
_diffrn_radiation.pdbx_scattering_type             x-ray 
# 
_diffrn_radiation_wavelength.id           1 
_diffrn_radiation_wavelength.wavelength   0.8162 
_diffrn_radiation_wavelength.wt           1.0 
# 
_diffrn_source.diffrn_id                   1 
_diffrn_source.source                      SYNCHROTRON 
_diffrn_source.type                        'EMBL/DESY, HAMBURG BEAMLINE X11' 
_diffrn_source.pdbx_synchrotron_site       'EMBL/DESY, HAMBURG' 
_diffrn_source.pdbx_synchrotron_beamline   X11 
_diffrn_source.pdbx_wavelength             0.8162 
_diffrn_source.pdbx_wavelength_list        ? 
# 
_reflns.pdbx_diffrn_id               1 
_reflns.pdbx_ordinal                 1 
_reflns.entry_id                     1PFE 
_reflns.observed_criterion_sigma_I   0.000 
_reflns.observed_criterion_sigma_F   ? 
_reflns.d_resolution_low             21.000 
_reflns.d_resolution_high            1.100 
_reflns.number_obs                   15164 
_reflns.number_all                   ? 
_reflns.percent_possible_obs         97.2 
_reflns.pdbx_Rmerge_I_obs            0.04900 
_reflns.pdbx_Rsym_value              ? 
_reflns.pdbx_netI_over_sigmaI        30.0100 
_reflns.B_iso_Wilson_estimate        ? 
_reflns.pdbx_redundancy              14.910 
_reflns.R_free_details               ? 
_reflns.pdbx_chi_squared             ? 
_reflns.pdbx_scaling_rejects         ? 
# 
_reflns_shell.pdbx_diffrn_id         1 
_reflns_shell.pdbx_ordinal           1 
_reflns_shell.d_res_high             1.10 
_reflns_shell.d_res_low              1.20 
_reflns_shell.percent_possible_all   95.7 
_reflns_shell.Rmerge_I_obs           0.24200 
_reflns_shell.pdbx_Rsym_value        ? 
_reflns_shell.meanI_over_sigI_obs    11.480 
_reflns_shell.pdbx_redundancy        13.05 
_reflns_shell.percent_possible_obs   ? 
_reflns_shell.number_unique_all      ? 
_reflns_shell.number_measured_all    ? 
_reflns_shell.number_measured_obs    ? 
_reflns_shell.number_unique_obs      ? 
_reflns_shell.pdbx_chi_squared       ? 
# 
_refine.pdbx_refine_id                           'X-RAY DIFFRACTION' 
_refine.entry_id                                 1PFE 
_refine.pdbx_diffrn_id                           1 
_refine.pdbx_TLS_residual_ADP_flag               ? 
_refine.ls_number_reflns_obs                     ? 
_refine.ls_number_reflns_all                     15164 
_refine.pdbx_ls_sigma_I                          ? 
_refine.pdbx_ls_sigma_F                          0.000 
_refine.pdbx_data_cutoff_high_absF               ? 
_refine.pdbx_data_cutoff_low_absF                ? 
_refine.pdbx_data_cutoff_high_rms_absF           ? 
_refine.ls_d_res_low                             21.00 
_refine.ls_d_res_high                            1.10 
_refine.ls_percent_reflns_obs                    97.2 
_refine.ls_R_factor_obs                          0.146 
_refine.ls_R_factor_all                          0.146 
_refine.ls_R_factor_R_work                       ? 
_refine.ls_R_factor_R_free                       0.168 
_refine.ls_R_factor_R_free_error                 ? 
_refine.ls_R_factor_R_free_error_details         ? 
_refine.ls_percent_reflns_R_free                 3.000 
_refine.ls_number_reflns_R_free                  478 
_refine.ls_number_parameters                     2979 
_refine.ls_number_restraints                     2074 
_refine.occupancy_min                            ? 
_refine.occupancy_max                            ? 
_refine.correlation_coeff_Fo_to_Fc               ? 
_refine.correlation_coeff_Fo_to_Fc_free          ? 
_refine.B_iso_mean                               ? 
_refine.aniso_B[1][1]                            ? 
_refine.aniso_B[2][2]                            ? 
_refine.aniso_B[3][3]                            ? 
_refine.aniso_B[1][2]                            ? 
_refine.aniso_B[1][3]                            ? 
_refine.aniso_B[2][3]                            ? 
_refine.solvent_model_details                    ? 
_refine.solvent_model_param_ksol                 ? 
_refine.solvent_model_param_bsol                 ? 
_refine.pdbx_solvent_vdw_probe_radii             ? 
_refine.pdbx_solvent_ion_probe_radii             ? 
_refine.pdbx_solvent_shrinkage_radii             ? 
_refine.pdbx_ls_cross_valid_method               'FREE R' 
_refine.details                                  
;THE SKELETON OF ECHINOMYCIN IS NEARLY SYMMETRIC (NOT MODELLED TO DO SO), THE BRIDGE IS NOT. BOTH POSSIBLE ORIENTATIONS OF BINDING WERE OBSERVED, BUT SKELETON POSITIONS NEARLY OVERLAP, SO ONLY THE BRIDGE WAS MODELLED AS DISORDERED/MICROHETEROGENEITY.
;
_refine.pdbx_starting_model                      'TROSTIN A - (GCGTACGC)2 COMPLEX' 
_refine.pdbx_method_to_determine_struct          'MOLECULAR REPLACEMENT' 
_refine.pdbx_isotropic_thermal_model             ? 
_refine.pdbx_stereochemistry_target_values       
'STANDARD SHELX FOR THE DNA, ENGH & HUBER FOR THE STANDARD PROTEIN PARTS OF ECHINOMYCIN, BUILT FROM THE CSD FOR THE REST' 
_refine.pdbx_stereochem_target_val_spec_case     'TARGETS FOR ECHINOMYCIN BUILT FROM THE CSD' 
_refine.pdbx_R_Free_selection_details            'THIN SHELLS' 
_refine.pdbx_overall_ESU_R                       ? 
_refine.pdbx_overall_ESU_R_Free                  ? 
_refine.overall_SU_ML                            ? 
_refine.pdbx_overall_phase_error                 ? 
_refine.overall_SU_B                             ? 
_refine.overall_SU_R_Cruickshank_DPI             ? 
_refine.pdbx_overall_SU_R_free_Cruickshank_DPI   ? 
_refine.pdbx_overall_SU_R_Blow_DPI               ? 
_refine.pdbx_overall_SU_R_free_Blow_DPI          ? 
_refine.ls_redundancy_reflns_obs                 ? 
_refine.overall_SU_R_free                        ? 
_refine.ls_wR_factor_R_free                      ? 
_refine.ls_wR_factor_R_work                      ? 
_refine.overall_FOM_free_R_set                   ? 
_refine.overall_FOM_work_R_set                   ? 
# 
_refine_analyze.pdbx_refine_id                  'X-RAY DIFFRACTION' 
_refine_analyze.entry_id                        1PFE 
_refine_analyze.Luzzati_coordinate_error_obs    ? 
_refine_analyze.Luzzati_sigma_a_obs             ? 
_refine_analyze.Luzzati_d_res_low_obs           ? 
_refine_analyze.Luzzati_coordinate_error_free   ? 
_refine_analyze.Luzzati_sigma_a_free            ? 
_refine_analyze.Luzzati_d_res_low_free          ? 
_refine_analyze.number_disordered_residues      7 
_refine_analyze.occupancy_sum_hydrogen          149.00 
_refine_analyze.occupancy_sum_non_hydrogen      303.00 
# 
_refine_hist.pdbx_refine_id                   'X-RAY DIFFRACTION' 
_refine_hist.cycle_id                         LAST 
_refine_hist.pdbx_number_atoms_protein        66 
_refine_hist.pdbx_number_atoms_nucleic_acid   161 
_refine_hist.pdbx_number_atoms_ligand         25 
_refine_hist.number_atoms_solvent             80 
_refine_hist.number_atoms_total               332 
_refine_hist.d_res_high                       1.10 
_refine_hist.d_res_low                        21.00 
# 
loop_
_refine_ls_restr.type 
_refine_ls_restr.dev_ideal 
_refine_ls_restr.dev_ideal_target 
_refine_ls_restr.weight 
_refine_ls_restr.number 
_refine_ls_restr.pdbx_refine_id 
_refine_ls_restr.pdbx_restraint_function 
s_bond_d               0.022 ? ? ? 'X-RAY DIFFRACTION' ? 
s_angle_d              0.036 ? ? ? 'X-RAY DIFFRACTION' ? 
s_similar_dist         ?     ? ? ? 'X-RAY DIFFRACTION' ? 
s_from_restr_planes    0.172 ? ? ? 'X-RAY DIFFRACTION' ? 
s_zero_chiral_vol      0.068 ? ? ? 'X-RAY DIFFRACTION' ? 
s_non_zero_chiral_vol  0.059 ? ? ? 'X-RAY DIFFRACTION' ? 
s_anti_bump_dis_restr  0.041 ? ? ? 'X-RAY DIFFRACTION' ? 
s_rigid_bond_adp_cmpnt ?     ? ? ? 'X-RAY DIFFRACTION' ? 
s_similar_adp_cmpnt    ?     ? ? ? 'X-RAY DIFFRACTION' ? 
s_approx_iso_adps      ?     ? ? ? 'X-RAY DIFFRACTION' ? 
# 
_refine_ls_shell.pdbx_total_number_of_bins_used   ? 
_refine_ls_shell.d_res_high                       1.1 
_refine_ls_shell.d_res_low                        1.2 
_refine_ls_shell.number_reflns_R_work             ? 
_refine_ls_shell.R_factor_R_work                  ? 
_refine_ls_shell.percent_reflns_obs               95.7 
_refine_ls_shell.R_factor_R_free                  ? 
_refine_ls_shell.R_factor_R_free_error            ? 
_refine_ls_shell.percent_reflns_R_free            ? 
_refine_ls_shell.number_reflns_R_free             ? 
_refine_ls_shell.redundancy_reflns_obs            ? 
_refine_ls_shell.pdbx_refine_id                   'X-RAY DIFFRACTION' 
_refine_ls_shell.number_reflns_all                ? 
_refine_ls_shell.number_reflns_obs                ? 
_refine_ls_shell.R_factor_all                     ? 
# 
_pdbx_refine.pdbx_refine_id                              'X-RAY DIFFRACTION' 
_pdbx_refine.entry_id                                    1PFE 
_pdbx_refine.R_factor_all_no_cutoff                      0.146 
_pdbx_refine.R_factor_obs_no_cutoff                      0.146 
_pdbx_refine.free_R_factor_no_cutoff                     0.168 
_pdbx_refine.free_R_error_no_cutoff                      ? 
_pdbx_refine.free_R_val_test_set_size_perc_no_cutoff     3.000 
_pdbx_refine.free_R_val_test_set_ct_no_cutoff            478 
_pdbx_refine.R_factor_all_4sig_cutoff                    ? 
_pdbx_refine.R_factor_obs_4sig_cutoff                    0.138 
_pdbx_refine.free_R_factor_4sig_cutoff                   0.160 
_pdbx_refine.free_R_val_test_set_size_perc_4sig_cutoff   ? 
_pdbx_refine.free_R_val_test_set_ct_4sig_cutoff          ? 
_pdbx_refine.number_reflns_obs_4sig_cutoff               ? 
# 
_struct.entry_id                  1PFE 
_struct.title                     'Echinomycin-(gcgtacgc)2 complex' 
_struct.pdbx_model_details        ? 
_struct.pdbx_CASP_flag            ? 
_struct.pdbx_model_type_details   ? 
# 
_struct_keywords.entry_id        1PFE 
_struct_keywords.pdbx_keywords   DNA/ANTIBIOTIC 
_struct_keywords.text            
'BISINTERCALATOR, HOOGSTEEN BASEPAIR, DEPSIPEPTIDE, QUINOXALINE, THIOACETAL, ANTIBIOTIC, ANTITUMOR, DNA-ANTIBIOTIC COMPLEX' 
# 
loop_
_struct_asym.id 
_struct_asym.pdbx_blank_PDB_chainid_flag 
_struct_asym.pdbx_modified 
_struct_asym.entity_id 
_struct_asym.details 
A N N 1 ? 
B N N 2 ? 
C N N 3 ? 
D N N 4 ? 
E N N 4 ? 
F N N 5 ? 
G N N 5 ? 
# 
loop_
_struct_ref.id 
_struct_ref.db_name 
_struct_ref.db_code 
_struct_ref.entity_id 
_struct_ref.pdbx_seq_one_letter_code 
_struct_ref.pdbx_align_begin 
_struct_ref.pdbx_db_accession 
_struct_ref.pdbx_db_isoform 
1 PDB 1PFE     1 ? ? 1PFE     ? 
2 NOR NOR01126 2 ? ? NOR01126 ? 
# 
loop_
_struct_ref_seq.align_id 
_struct_ref_seq.ref_id 
_struct_ref_seq.pdbx_PDB_id_code 
_struct_ref_seq.pdbx_strand_id 
_struct_ref_seq.seq_align_beg 
_struct_ref_seq.pdbx_seq_align_beg_ins_code 
_struct_ref_seq.seq_align_end 
_struct_ref_seq.pdbx_seq_align_end_ins_code 
_struct_ref_seq.pdbx_db_accession 
_struct_ref_seq.db_align_beg 
_struct_ref_seq.pdbx_db_align_beg_ins_code 
_struct_ref_seq.db_align_end 
_struct_ref_seq.pdbx_db_align_end_ins_code 
_struct_ref_seq.pdbx_auth_seq_align_beg 
_struct_ref_seq.pdbx_auth_seq_align_end 
1 1 1PFE A 1 ? 8 ? 1PFE     1 ? 8 ? 1 8 
2 2 1PFE B 1 ? 8 ? NOR01126 1 ? 8 ? 1 8 
# 
loop_
_struct_ref_seq_dif.align_id 
_struct_ref_seq_dif.pdbx_pdb_id_code 
_struct_ref_seq_dif.mon_id 
_struct_ref_seq_dif.pdbx_pdb_strand_id 
_struct_ref_seq_dif.seq_num 
_struct_ref_seq_dif.pdbx_pdb_ins_code 
_struct_ref_seq_dif.pdbx_seq_db_name 
_struct_ref_seq_dif.pdbx_seq_db_accession_code 
_struct_ref_seq_dif.db_mon_id 
_struct_ref_seq_dif.pdbx_seq_db_seq_num 
_struct_ref_seq_dif.details 
_struct_ref_seq_dif.pdbx_auth_seq_num 
_struct_ref_seq_dif.pdbx_ordinal 
2 1PFE N2C B 3 ? NOR NOR01126 NCY 3 microheterogeneity 3 1 
2 1PFE NCY B 7 ? NOR NOR01126 N2C 7 microheterogeneity 7 2 
# 
_pdbx_struct_assembly.id                   1 
_pdbx_struct_assembly.details              software_defined_assembly 
_pdbx_struct_assembly.method_details       PISA 
_pdbx_struct_assembly.oligomeric_details   tetrameric 
_pdbx_struct_assembly.oligomeric_count     4 
# 
loop_
_pdbx_struct_assembly_prop.biol_id 
_pdbx_struct_assembly_prop.type 
_pdbx_struct_assembly_prop.value 
_pdbx_struct_assembly_prop.details 
1 'ABSA (A^2)' 730  ? 
1 MORE         -6.4 ? 
1 'SSA (A^2)'  3960 ? 
# 
_pdbx_struct_assembly_gen.assembly_id       1 
_pdbx_struct_assembly_gen.oper_expression   1,2 
_pdbx_struct_assembly_gen.asym_id_list      A,B,C,D,E,F,G 
# 
loop_
_pdbx_struct_oper_list.id 
_pdbx_struct_oper_list.type 
_pdbx_struct_oper_list.name 
_pdbx_struct_oper_list.symmetry_operation 
_pdbx_struct_oper_list.matrix[1][1] 
_pdbx_struct_oper_list.matrix[1][2] 
_pdbx_struct_oper_list.matrix[1][3] 
_pdbx_struct_oper_list.vector[1] 
_pdbx_struct_oper_list.matrix[2][1] 
_pdbx_struct_oper_list.matrix[2][2] 
_pdbx_struct_oper_list.matrix[2][3] 
_pdbx_struct_oper_list.vector[2] 
_pdbx_struct_oper_list.matrix[3][1] 
_pdbx_struct_oper_list.matrix[3][2] 
_pdbx_struct_oper_list.matrix[3][3] 
_pdbx_struct_oper_list.vector[3] 
1 'identity operation'         1_555 x,y,z      1.0000000000 0.0000000000  0.0000000000  0.0000000000  0.0000000000  1.0000000000  0.0000000000 0.0000000000  0.0000000000  0.0000000000 1.0000000000  0.0000000000  
2 'crystal symmetry operation' 9_555 -x,-x+y,-z 0.0187427538 -0.9990164125 -0.0401860260 13.6209047059 -0.9990164125 -0.0203279594 0.0394078872 13.4633487035 -0.0401860260 0.0394078872 -0.9984147944 10.6029804142 
# 
_struct_biol.id                    1 
_struct_biol.details               'The second part of the biological assembly is generated by:  -x, -x+y, -z' 
_struct_biol.pdbx_parent_biol_id   ? 
# 
loop_
_struct_conn.id 
_struct_conn.conn_type_id 
_struct_conn.pdbx_leaving_atom_flag 
_struct_conn.pdbx_PDB_id 
_struct_conn.ptnr1_label_asym_id 
_struct_conn.ptnr1_label_comp_id 
_struct_conn.ptnr1_label_seq_id 
_struct_conn.ptnr1_label_atom_id 
_struct_conn.pdbx_ptnr1_label_alt_id 
_struct_conn.pdbx_ptnr1_PDB_ins_code 
_struct_conn.pdbx_ptnr1_standard_comp_id 
_struct_conn.ptnr1_symmetry 
_struct_conn.ptnr2_label_asym_id 
_struct_conn.ptnr2_label_comp_id 
_struct_conn.ptnr2_label_seq_id 
_struct_conn.ptnr2_label_atom_id 
_struct_conn.pdbx_ptnr2_label_alt_id 
_struct_conn.pdbx_ptnr2_PDB_ins_code 
_struct_conn.ptnr1_auth_asym_id 
_struct_conn.ptnr1_auth_comp_id 
_struct_conn.ptnr1_auth_seq_id 
_struct_conn.ptnr2_auth_asym_id 
_struct_conn.ptnr2_auth_comp_id 
_struct_conn.ptnr2_auth_seq_id 
_struct_conn.ptnr2_symmetry 
_struct_conn.pdbx_ptnr3_label_atom_id 
_struct_conn.pdbx_ptnr3_label_seq_id 
_struct_conn.pdbx_ptnr3_label_comp_id 
_struct_conn.pdbx_ptnr3_label_asym_id 
_struct_conn.pdbx_ptnr3_label_alt_id 
_struct_conn.pdbx_ptnr3_PDB_ins_code 
_struct_conn.details 
_struct_conn.pdbx_dist_value 
_struct_conn.pdbx_value_order 
_struct_conn.pdbx_role 
covale1  covale both ? D QUI . C  ? ? ? 1_555 B DSN 1 N  ? ? B QUI 0 B DSN 1 1_555 ? ? ? ? ? ? ?            1.345 ? ? 
covale2  covale both ? B DSN 1 C  ? ? ? 1_555 B ALA 2 N  ? ? B DSN 1 B ALA 2 1_555 ? ? ? ? ? ? ?            1.352 ? ? 
covale3  covale one  ? B DSN 1 OG ? ? ? 1_555 B MVA 8 C  ? ? B DSN 1 B MVA 8 1_555 ? ? ? ? ? ? ?            1.325 ? ? 
covale4  covale both ? B ALA 2 C  ? ? ? 1_555 B N2C 3 N  A ? B ALA 2 B N2C 3 1_555 ? ? ? ? ? ? ?            1.355 ? ? 
covale5  covale both ? B ALA 2 C  ? ? ? 1_555 B NCY 3 N  B ? B ALA 2 B NCY 3 1_555 ? ? ? ? ? ? ?            1.355 ? ? 
covale6  covale both ? B NCY 3 C  B ? ? 1_555 B MVA 4 N  ? ? B NCY 3 B MVA 4 1_555 ? ? ? ? ? ? ?            1.338 ? ? 
covale7  covale both ? B N2C 3 C  A ? ? 1_555 B MVA 4 N  ? ? B N2C 3 B MVA 4 1_555 ? ? ? ? ? ? ?            1.338 ? ? 
covale8  covale both ? B N2C 3 CB A ? ? 1_555 B NCY 7 SG A ? B N2C 3 B NCY 7 1_555 ? ? ? ? ? ? ?            1.796 ? ? 
covale9  covale both ? B NCY 3 SG B ? ? 1_555 B N2C 7 CB B ? B NCY 3 B N2C 7 1_555 ? ? ? ? ? ? ?            1.814 ? ? 
covale10 covale one  ? B MVA 4 C  ? ? ? 1_555 B DSN 5 OG ? ? B MVA 4 B DSN 5 1_555 ? ? ? ? ? ? ?            1.326 ? ? 
covale11 covale both ? B DSN 5 C  ? ? ? 1_555 B ALA 6 N  ? ? B DSN 5 B ALA 6 1_555 ? ? ? ? ? ? ?            1.317 ? ? 
covale12 covale both ? B DSN 5 N  ? ? ? 1_555 E QUI . C  ? ? B DSN 5 B QUI 9 1_555 ? ? ? ? ? ? ?            1.365 ? ? 
covale13 covale both ? B ALA 6 C  ? ? ? 1_555 B NCY 7 N  A ? B ALA 6 B NCY 7 1_555 ? ? ? ? ? ? ?            1.354 ? ? 
covale14 covale both ? B ALA 6 C  ? ? ? 1_555 B N2C 7 N  B ? B ALA 6 B N2C 7 1_555 ? ? ? ? ? ? ?            1.354 ? ? 
covale15 covale both ? B NCY 7 C  A ? ? 1_555 B MVA 8 N  ? ? B NCY 7 B MVA 8 1_555 ? ? ? ? ? ? ?            1.323 ? ? 
covale16 covale both ? B N2C 7 C  B ? ? 1_555 B MVA 8 N  ? ? B N2C 7 B MVA 8 1_555 ? ? ? ? ? ? ?            1.323 ? ? 
hydrog1  hydrog ?    ? A DG  1 O6 ? ? ? 1_555 A DC  8 N4 ? ? A DG  1 A DC  8 9_555 ? ? ? ? ? ? 'DG-DC PAIR' ?     ? ? 
hydrog2  hydrog ?    ? A DC  2 N3 ? ? ? 1_555 A DG  7 N1 ? ? A DC  2 A DG  7 9_555 ? ? ? ? ? ? WATSON-CRICK ?     ? ? 
hydrog3  hydrog ?    ? A DC  2 N4 ? ? ? 1_555 A DG  7 O6 ? ? A DC  2 A DG  7 9_555 ? ? ? ? ? ? WATSON-CRICK ?     ? ? 
hydrog4  hydrog ?    ? A DC  2 O2 ? ? ? 1_555 A DG  7 N2 ? ? A DC  2 A DG  7 9_555 ? ? ? ? ? ? WATSON-CRICK ?     ? ? 
hydrog5  hydrog ?    ? A DG  3 N1 ? ? ? 1_555 A DC  6 N3 ? ? A DG  3 A DC  6 9_555 ? ? ? ? ? ? WATSON-CRICK ?     ? ? 
hydrog6  hydrog ?    ? A DG  3 N2 ? ? ? 1_555 A DC  6 O2 ? ? A DG  3 A DC  6 9_555 ? ? ? ? ? ? WATSON-CRICK ?     ? ? 
hydrog7  hydrog ?    ? A DG  3 O6 ? ? ? 1_555 A DC  6 N4 ? ? A DG  3 A DC  6 9_555 ? ? ? ? ? ? WATSON-CRICK ?     ? ? 
hydrog8  hydrog ?    ? A DT  4 N3 ? ? ? 1_555 A DA  5 N7 ? ? A DT  4 A DA  5 9_555 ? ? ? ? ? ? HOOGSTEEN    ?     ? ? 
hydrog9  hydrog ?    ? A DT  4 O4 ? ? ? 1_555 A DA  5 N6 ? ? A DT  4 A DA  5 9_555 ? ? ? ? ? ? HOOGSTEEN    ?     ? ? 
hydrog10 hydrog ?    ? A DA  5 N6 ? ? ? 1_555 A DT  4 O4 ? ? A DA  5 A DT  4 9_555 ? ? ? ? ? ? HOOGSTEEN    ?     ? ? 
hydrog11 hydrog ?    ? A DA  5 N7 ? ? ? 1_555 A DT  4 N3 ? ? A DA  5 A DT  4 9_555 ? ? ? ? ? ? HOOGSTEEN    ?     ? ? 
hydrog12 hydrog ?    ? A DC  6 N3 ? ? ? 1_555 A DG  3 N1 ? ? A DC  6 A DG  3 9_555 ? ? ? ? ? ? WATSON-CRICK ?     ? ? 
hydrog13 hydrog ?    ? A DC  6 N4 ? ? ? 1_555 A DG  3 O6 ? ? A DC  6 A DG  3 9_555 ? ? ? ? ? ? WATSON-CRICK ?     ? ? 
hydrog14 hydrog ?    ? A DC  6 O2 ? ? ? 1_555 A DG  3 N2 ? ? A DC  6 A DG  3 9_555 ? ? ? ? ? ? WATSON-CRICK ?     ? ? 
hydrog15 hydrog ?    ? A DG  7 N1 ? ? ? 1_555 A DC  2 N3 ? ? A DG  7 A DC  2 9_555 ? ? ? ? ? ? WATSON-CRICK ?     ? ? 
hydrog16 hydrog ?    ? A DG  7 N2 ? ? ? 1_555 A DC  2 O2 ? ? A DG  7 A DC  2 9_555 ? ? ? ? ? ? WATSON-CRICK ?     ? ? 
hydrog17 hydrog ?    ? A DG  7 O6 ? ? ? 1_555 A DC  2 N4 ? ? A DG  7 A DC  2 9_555 ? ? ? ? ? ? WATSON-CRICK ?     ? ? 
hydrog18 hydrog ?    ? A DC  8 N4 ? ? ? 1_555 A DG  1 O6 ? ? A DC  8 A DG  1 9_555 ? ? ? ? ? ? 'DC-DG PAIR' ?     ? ? 
# 
loop_
_struct_conn_type.id 
_struct_conn_type.criteria 
_struct_conn_type.reference 
covale ? ? 
hydrog ? ? 
# 
loop_
_struct_site.id 
_struct_site.pdbx_evidence_code 
_struct_site.pdbx_auth_asym_id 
_struct_site.pdbx_auth_comp_id 
_struct_site.pdbx_auth_seq_id 
_struct_site.pdbx_auth_ins_code 
_struct_site.pdbx_num_residues 
_struct_site.details 
AC1 Software A CL 20 ? 1  'BINDING SITE FOR RESIDUE CL A 20'        
AC2 Software ? ?  ?  ? 16 'BINDING SITE FOR CHAIN B OF ECHINOMYCIN' 
1   ?        ? ?  ?  ? ?  ?                                         
# 
loop_
_struct_site_gen.id 
_struct_site_gen.site_id 
_struct_site_gen.pdbx_num_res 
_struct_site_gen.label_comp_id 
_struct_site_gen.label_asym_id 
_struct_site_gen.label_seq_id 
_struct_site_gen.pdbx_auth_ins_code 
_struct_site_gen.auth_comp_id 
_struct_site_gen.auth_asym_id 
_struct_site_gen.auth_seq_id 
_struct_site_gen.label_atom_id 
_struct_site_gen.label_alt_id 
_struct_site_gen.symmetry 
_struct_site_gen.details 
1  AC1 1  HOH F . ? HOH A 2069 . ? 1_555 ? 
2  AC2 16 DG  A 1 ? DG  A 1    . ? 1_555 ? 
3  AC2 16 DC  A 2 ? DC  A 2    . ? 1_555 ? 
4  AC2 16 DG  A 3 ? DG  A 3    . ? 1_555 ? 
5  AC2 16 DT  A 4 ? DT  A 4    . ? 1_555 ? 
6  AC2 16 DA  A 5 ? DA  A 5    . ? 1_555 ? 
7  AC2 16 DC  A 6 ? DC  A 6    . ? 1_555 ? 
8  AC2 16 DG  A 7 ? DG  A 7    . ? 1_555 ? 
9  AC2 16 DC  A 8 ? DC  A 8    . ? 1_555 ? 
10 AC2 16 HOH G . ? HOH B 2001 . ? 1_555 ? 
11 AC2 16 HOH G . ? HOH B 2002 . ? 1_555 ? 
12 AC2 16 HOH G . ? HOH B 2003 . ? 1_555 ? 
13 AC2 16 HOH G . ? HOH B 2005 . ? 1_555 ? 
14 AC2 16 HOH G . ? HOH B 2006 . ? 1_555 ? 
15 AC2 16 HOH G . ? HOH B 2007 . ? 1_555 ? 
16 AC2 16 HOH G . ? HOH B 2009 . ? 1_555 ? 
17 AC2 16 HOH G . ? HOH B 2010 . ? 1_555 ? 
# 
loop_
_pdbx_validate_rmsd_bond.id 
_pdbx_validate_rmsd_bond.PDB_model_num 
_pdbx_validate_rmsd_bond.auth_atom_id_1 
_pdbx_validate_rmsd_bond.auth_asym_id_1 
_pdbx_validate_rmsd_bond.auth_comp_id_1 
_pdbx_validate_rmsd_bond.auth_seq_id_1 
_pdbx_validate_rmsd_bond.PDB_ins_code_1 
_pdbx_validate_rmsd_bond.label_alt_id_1 
_pdbx_validate_rmsd_bond.auth_atom_id_2 
_pdbx_validate_rmsd_bond.auth_asym_id_2 
_pdbx_validate_rmsd_bond.auth_comp_id_2 
_pdbx_validate_rmsd_bond.auth_seq_id_2 
_pdbx_validate_rmsd_bond.PDB_ins_code_2 
_pdbx_validate_rmsd_bond.label_alt_id_2 
_pdbx_validate_rmsd_bond.bond_value 
_pdbx_validate_rmsd_bond.bond_target_value 
_pdbx_validate_rmsd_bond.bond_deviation 
_pdbx_validate_rmsd_bond.bond_standard_deviation 
_pdbx_validate_rmsd_bond.linker_flag 
1 1 "C2'" A DG 1 ? A "C1'" A DG 1 ? ? 1.441 1.518 -0.077 0.010 N 
2 1 "O4'" A DG 1 ? ? "C1'" A DG 1 ? ? 1.531 1.420 0.111  0.011 N 
3 1 "O4'" A DC 2 ? ? "C1'" A DC 2 ? ? 1.506 1.420 0.086  0.011 N 
4 1 "C2'" A DG 3 ? ? "C1'" A DG 3 ? ? 1.597 1.519 0.078  0.010 N 
5 1 "O4'" A DG 3 ? ? "C1'" A DG 3 ? ? 1.332 1.418 -0.086 0.012 N 
6 1 "O4'" A DT 4 ? ? "C1'" A DT 4 ? ? 1.499 1.420 0.079  0.011 N 
7 1 "C2'" A DG 7 ? ? "C1'" A DG 7 ? ? 1.595 1.519 0.076  0.010 N 
8 1 "O4'" A DG 7 ? ? "C1'" A DG 7 ? ? 1.339 1.418 -0.079 0.012 N 
9 1 "O4'" A DC 8 ? ? "C1'" A DC 8 ? ? 1.505 1.420 0.085  0.011 N 
# 
loop_
_pdbx_validate_rmsd_angle.id 
_pdbx_validate_rmsd_angle.PDB_model_num 
_pdbx_validate_rmsd_angle.auth_atom_id_1 
_pdbx_validate_rmsd_angle.auth_asym_id_1 
_pdbx_validate_rmsd_angle.auth_comp_id_1 
_pdbx_validate_rmsd_angle.auth_seq_id_1 
_pdbx_validate_rmsd_angle.PDB_ins_code_1 
_pdbx_validate_rmsd_angle.label_alt_id_1 
_pdbx_validate_rmsd_angle.auth_atom_id_2 
_pdbx_validate_rmsd_angle.auth_asym_id_2 
_pdbx_validate_rmsd_angle.auth_comp_id_2 
_pdbx_validate_rmsd_angle.auth_seq_id_2 
_pdbx_validate_rmsd_angle.PDB_ins_code_2 
_pdbx_validate_rmsd_angle.label_alt_id_2 
_pdbx_validate_rmsd_angle.auth_atom_id_3 
_pdbx_validate_rmsd_angle.auth_asym_id_3 
_pdbx_validate_rmsd_angle.auth_comp_id_3 
_pdbx_validate_rmsd_angle.auth_seq_id_3 
_pdbx_validate_rmsd_angle.PDB_ins_code_3 
_pdbx_validate_rmsd_angle.label_alt_id_3 
_pdbx_validate_rmsd_angle.angle_value 
_pdbx_validate_rmsd_angle.angle_target_value 
_pdbx_validate_rmsd_angle.angle_deviation 
_pdbx_validate_rmsd_angle.angle_standard_deviation 
_pdbx_validate_rmsd_angle.linker_flag 
1  1 "O4'" A DG 1 ? ? "C1'" A DG 1 ? ? N9    A DG 1 ? ? 99.34  108.00 -8.66 0.70 N 
2  1 "C5'" A DC 2 ? B "C4'" A DC 2 ? B "O4'" A DC 2 ? ? 119.18 109.80 9.38  1.10 N 
3  1 "O4'" A DC 2 ? ? "C1'" A DC 2 ? ? N1    A DC 2 ? ? 102.50 108.00 -5.50 0.70 N 
4  1 "O4'" A DG 3 ? ? "C1'" A DG 3 ? ? N9    A DG 3 ? ? 115.21 108.30 6.91  0.30 N 
5  1 "O4'" A DT 4 ? ? "C1'" A DT 4 ? ? N1    A DT 4 ? ? 101.66 108.00 -6.34 0.70 N 
6  1 "C1'" A DA 5 ? ? "O4'" A DA 5 ? ? "C4'" A DA 5 ? ? 103.39 110.10 -6.71 1.00 N 
7  1 "O4'" A DC 6 ? ? "C1'" A DC 6 ? ? N1    A DC 6 ? ? 102.26 108.00 -5.74 0.70 N 
8  1 "O4'" A DG 7 ? ? "C1'" A DG 7 ? ? N9    A DG 7 ? ? 114.52 108.30 6.22  0.30 N 
9  1 "O4'" A DC 8 ? ? "C1'" A DC 8 ? ? N1    A DC 8 ? ? 102.82 108.00 -5.18 0.70 N 
10 1 N3    A DC 8 ? ? C4    A DC 8 ? ? C5    A DC 8 ? ? 118.62 121.90 -3.28 0.40 N 
11 1 N1    A DC 8 ? ? C2    A DC 8 ? ? O2    A DC 8 ? ? 123.67 118.90 4.77  0.60 N 
# 
_pdbx_molecule_features.prd_id    PRD_000491 
_pdbx_molecule_features.name      Echinomycin 
_pdbx_molecule_features.type      'Cyclic depsipeptide' 
_pdbx_molecule_features.class     Antibiotic 
_pdbx_molecule_features.details   
;ECHINOMYCIN IS A BICYCLIC OCTADEPSIPEPTIDE.      
 BICYCLIZATION IS ACHIEVED BY LINKING THE N- AND       
 THE C- TERMINI, AND A THIOACETAL BOND BETWEEN     
 RESIDUES 3 AND 7.                                     
 THE TWO QUINOXALINE CHROMOPHORES ARE LINKED           
 TO THE D-SERINE RESIDUES, RESIDUES 1 AND 5.
;
# 
loop_
_pdbx_molecule.instance_id 
_pdbx_molecule.prd_id 
_pdbx_molecule.asym_id 
1 PRD_000491 B 
1 PRD_000491 D 
1 PRD_000491 E 
# 
_struct_site_keywords.site_id   1 
_struct_site_keywords.text      Intercalation 
# 
loop_
_pdbx_struct_special_symmetry.id 
_pdbx_struct_special_symmetry.PDB_model_num 
_pdbx_struct_special_symmetry.auth_asym_id 
_pdbx_struct_special_symmetry.auth_comp_id 
_pdbx_struct_special_symmetry.auth_seq_id 
_pdbx_struct_special_symmetry.PDB_ins_code 
_pdbx_struct_special_symmetry.label_asym_id 
_pdbx_struct_special_symmetry.label_comp_id 
_pdbx_struct_special_symmetry.label_seq_id 
1 1 A HOH 2002 ? F HOH . 
2 1 A HOH 2013 ? F HOH . 
3 1 A HOH 2019 ? F HOH . 
4 1 A HOH 2024 ? F HOH . 
# 
_pdbx_entry_details.entry_id                 1PFE 
_pdbx_entry_details.compound_details         
;THE ECHINOMYCIN IS A BICYCLIC OCTADEPSIPEPTIDE, A MEMBER             
 OF THE QUINOXALINE CLASS OF ANTIBIOTICS.                             
 HERE, ECHINOMYCIN IS REPRESENTED BY GROUPING TOGETHER THE             
 SEQUENCE (SEQRES) AND TWO LIGANDS (HET) QUI.
;
_pdbx_entry_details.source_details           ? 
_pdbx_entry_details.nonpolymer_details       ? 
_pdbx_entry_details.sequence_details         ? 
_pdbx_entry_details.has_ligand_of_interest   ? 
# 
loop_
_chem_comp_atom.comp_id 
_chem_comp_atom.atom_id 
_chem_comp_atom.type_symbol 
_chem_comp_atom.pdbx_aromatic_flag 
_chem_comp_atom.pdbx_stereo_config 
_chem_comp_atom.pdbx_ordinal 
ALA N      N  N N 1   
ALA CA     C  N S 2   
ALA C      C  N N 3   
ALA O      O  N N 4   
ALA CB     C  N N 5   
ALA OXT    O  N N 6   
ALA H      H  N N 7   
ALA H2     H  N N 8   
ALA HA     H  N N 9   
ALA HB1    H  N N 10  
ALA HB2    H  N N 11  
ALA HB3    H  N N 12  
ALA HXT    H  N N 13  
CL  CL     CL N N 14  
DA  OP3    O  N N 15  
DA  P      P  N N 16  
DA  OP1    O  N N 17  
DA  OP2    O  N N 18  
DA  "O5'"  O  N N 19  
DA  "C5'"  C  N N 20  
DA  "C4'"  C  N R 21  
DA  "O4'"  O  N N 22  
DA  "C3'"  C  N S 23  
DA  "O3'"  O  N N 24  
DA  "C2'"  C  N N 25  
DA  "C1'"  C  N R 26  
DA  N9     N  Y N 27  
DA  C8     C  Y N 28  
DA  N7     N  Y N 29  
DA  C5     C  Y N 30  
DA  C6     C  Y N 31  
DA  N6     N  N N 32  
DA  N1     N  Y N 33  
DA  C2     C  Y N 34  
DA  N3     N  Y N 35  
DA  C4     C  Y N 36  
DA  HOP3   H  N N 37  
DA  HOP2   H  N N 38  
DA  "H5'"  H  N N 39  
DA  "H5''" H  N N 40  
DA  "H4'"  H  N N 41  
DA  "H3'"  H  N N 42  
DA  "HO3'" H  N N 43  
DA  "H2'"  H  N N 44  
DA  "H2''" H  N N 45  
DA  "H1'"  H  N N 46  
DA  H8     H  N N 47  
DA  H61    H  N N 48  
DA  H62    H  N N 49  
DA  H2     H  N N 50  
DC  OP3    O  N N 51  
DC  P      P  N N 52  
DC  OP1    O  N N 53  
DC  OP2    O  N N 54  
DC  "O5'"  O  N N 55  
DC  "C5'"  C  N N 56  
DC  "C4'"  C  N R 57  
DC  "O4'"  O  N N 58  
DC  "C3'"  C  N S 59  
DC  "O3'"  O  N N 60  
DC  "C2'"  C  N N 61  
DC  "C1'"  C  N R 62  
DC  N1     N  N N 63  
DC  C2     C  N N 64  
DC  O2     O  N N 65  
DC  N3     N  N N 66  
DC  C4     C  N N 67  
DC  N4     N  N N 68  
DC  C5     C  N N 69  
DC  C6     C  N N 70  
DC  HOP3   H  N N 71  
DC  HOP2   H  N N 72  
DC  "H5'"  H  N N 73  
DC  "H5''" H  N N 74  
DC  "H4'"  H  N N 75  
DC  "H3'"  H  N N 76  
DC  "HO3'" H  N N 77  
DC  "H2'"  H  N N 78  
DC  "H2''" H  N N 79  
DC  "H1'"  H  N N 80  
DC  H41    H  N N 81  
DC  H42    H  N N 82  
DC  H5     H  N N 83  
DC  H6     H  N N 84  
DG  OP3    O  N N 85  
DG  P      P  N N 86  
DG  OP1    O  N N 87  
DG  OP2    O  N N 88  
DG  "O5'"  O  N N 89  
DG  "C5'"  C  N N 90  
DG  "C4'"  C  N R 91  
DG  "O4'"  O  N N 92  
DG  "C3'"  C  N S 93  
DG  "O3'"  O  N N 94  
DG  "C2'"  C  N N 95  
DG  "C1'"  C  N R 96  
DG  N9     N  Y N 97  
DG  C8     C  Y N 98  
DG  N7     N  Y N 99  
DG  C5     C  Y N 100 
DG  C6     C  N N 101 
DG  O6     O  N N 102 
DG  N1     N  N N 103 
DG  C2     C  N N 104 
DG  N2     N  N N 105 
DG  N3     N  N N 106 
DG  C4     C  Y N 107 
DG  HOP3   H  N N 108 
DG  HOP2   H  N N 109 
DG  "H5'"  H  N N 110 
DG  "H5''" H  N N 111 
DG  "H4'"  H  N N 112 
DG  "H3'"  H  N N 113 
DG  "HO3'" H  N N 114 
DG  "H2'"  H  N N 115 
DG  "H2''" H  N N 116 
DG  "H1'"  H  N N 117 
DG  H8     H  N N 118 
DG  H1     H  N N 119 
DG  H21    H  N N 120 
DG  H22    H  N N 121 
DSN N      N  N N 122 
DSN CA     C  N R 123 
DSN C      C  N N 124 
DSN O      O  N N 125 
DSN OXT    O  N N 126 
DSN CB     C  N N 127 
DSN OG     O  N N 128 
DSN H      H  N N 129 
DSN H2     H  N N 130 
DSN HA     H  N N 131 
DSN HXT    H  N N 132 
DSN HB2    H  N N 133 
DSN HB3    H  N N 134 
DSN HG     H  N N 135 
DT  OP3    O  N N 136 
DT  P      P  N N 137 
DT  OP1    O  N N 138 
DT  OP2    O  N N 139 
DT  "O5'"  O  N N 140 
DT  "C5'"  C  N N 141 
DT  "C4'"  C  N R 142 
DT  "O4'"  O  N N 143 
DT  "C3'"  C  N S 144 
DT  "O3'"  O  N N 145 
DT  "C2'"  C  N N 146 
DT  "C1'"  C  N R 147 
DT  N1     N  N N 148 
DT  C2     C  N N 149 
DT  O2     O  N N 150 
DT  N3     N  N N 151 
DT  C4     C  N N 152 
DT  O4     O  N N 153 
DT  C5     C  N N 154 
DT  C7     C  N N 155 
DT  C6     C  N N 156 
DT  HOP3   H  N N 157 
DT  HOP2   H  N N 158 
DT  "H5'"  H  N N 159 
DT  "H5''" H  N N 160 
DT  "H4'"  H  N N 161 
DT  "H3'"  H  N N 162 
DT  "HO3'" H  N N 163 
DT  "H2'"  H  N N 164 
DT  "H2''" H  N N 165 
DT  "H1'"  H  N N 166 
DT  H3     H  N N 167 
DT  H71    H  N N 168 
DT  H72    H  N N 169 
DT  H73    H  N N 170 
DT  H6     H  N N 171 
HOH O      O  N N 172 
HOH H1     H  N N 173 
HOH H2     H  N N 174 
MVA N      N  N N 175 
MVA CN     C  N N 176 
MVA CA     C  N S 177 
MVA CB     C  N N 178 
MVA CG1    C  N N 179 
MVA CG2    C  N N 180 
MVA C      C  N N 181 
MVA O      O  N N 182 
MVA OXT    O  N N 183 
MVA H      H  N N 184 
MVA HN1    H  N N 185 
MVA HN2    H  N N 186 
MVA HN3    H  N N 187 
MVA HA     H  N N 188 
MVA HB     H  N N 189 
MVA HG11   H  N N 190 
MVA HG12   H  N N 191 
MVA HG13   H  N N 192 
MVA HG21   H  N N 193 
MVA HG22   H  N N 194 
MVA HG23   H  N N 195 
MVA HXT    H  N N 196 
N2C N      N  N N 197 
N2C CA     C  N R 198 
N2C CB     C  N N 199 
N2C SG     S  N N 200 
N2C CD     C  N N 201 
N2C CN     C  N N 202 
N2C C      C  N N 203 
N2C O      O  N N 204 
N2C OXT    O  N N 205 
N2C H      H  N N 206 
N2C HA     H  N N 207 
N2C HB2    H  N N 208 
N2C HB3    H  N N 209 
N2C HD1    H  N N 210 
N2C HD2    H  N N 211 
N2C HD3    H  N N 212 
N2C HN1    H  N N 213 
N2C HN2    H  N N 214 
N2C HN3    H  N N 215 
N2C HXT    H  N N 216 
NCY N      N  N N 217 
NCY CA     C  N R 218 
NCY CB     C  N N 219 
NCY SG     S  N N 220 
NCY CN     C  N N 221 
NCY C      C  N N 222 
NCY O      O  N N 223 
NCY OXT    O  N N 224 
NCY H      H  N N 225 
NCY HA     H  N N 226 
NCY HB2    H  N N 227 
NCY HB3    H  N N 228 
NCY HG     H  N N 229 
NCY HCN1   H  N N 230 
NCY HCN2   H  N N 231 
NCY HCN3   H  N N 232 
NCY HXT    H  N N 233 
QUI N1     N  Y N 234 
QUI C2     C  Y N 235 
QUI C3     C  Y N 236 
QUI N4     N  Y N 237 
QUI C5     C  Y N 238 
QUI C6     C  Y N 239 
QUI C7     C  Y N 240 
QUI C8     C  Y N 241 
QUI C9     C  Y N 242 
QUI C10    C  Y N 243 
QUI C      C  N N 244 
QUI O1     O  N N 245 
QUI O2     O  N N 246 
QUI H3     H  N N 247 
QUI H5     H  N N 248 
QUI H6     H  N N 249 
QUI H7     H  N N 250 
QUI H8     H  N N 251 
QUI HO2    H  N N 252 
# 
loop_
_chem_comp_bond.comp_id 
_chem_comp_bond.atom_id_1 
_chem_comp_bond.atom_id_2 
_chem_comp_bond.value_order 
_chem_comp_bond.pdbx_aromatic_flag 
_chem_comp_bond.pdbx_stereo_config 
_chem_comp_bond.pdbx_ordinal 
ALA N     CA     sing N N 1   
ALA N     H      sing N N 2   
ALA N     H2     sing N N 3   
ALA CA    C      sing N N 4   
ALA CA    CB     sing N N 5   
ALA CA    HA     sing N N 6   
ALA C     O      doub N N 7   
ALA C     OXT    sing N N 8   
ALA CB    HB1    sing N N 9   
ALA CB    HB2    sing N N 10  
ALA CB    HB3    sing N N 11  
ALA OXT   HXT    sing N N 12  
DA  OP3   P      sing N N 13  
DA  OP3   HOP3   sing N N 14  
DA  P     OP1    doub N N 15  
DA  P     OP2    sing N N 16  
DA  P     "O5'"  sing N N 17  
DA  OP2   HOP2   sing N N 18  
DA  "O5'" "C5'"  sing N N 19  
DA  "C5'" "C4'"  sing N N 20  
DA  "C5'" "H5'"  sing N N 21  
DA  "C5'" "H5''" sing N N 22  
DA  "C4'" "O4'"  sing N N 23  
DA  "C4'" "C3'"  sing N N 24  
DA  "C4'" "H4'"  sing N N 25  
DA  "O4'" "C1'"  sing N N 26  
DA  "C3'" "O3'"  sing N N 27  
DA  "C3'" "C2'"  sing N N 28  
DA  "C3'" "H3'"  sing N N 29  
DA  "O3'" "HO3'" sing N N 30  
DA  "C2'" "C1'"  sing N N 31  
DA  "C2'" "H2'"  sing N N 32  
DA  "C2'" "H2''" sing N N 33  
DA  "C1'" N9     sing N N 34  
DA  "C1'" "H1'"  sing N N 35  
DA  N9    C8     sing Y N 36  
DA  N9    C4     sing Y N 37  
DA  C8    N7     doub Y N 38  
DA  C8    H8     sing N N 39  
DA  N7    C5     sing Y N 40  
DA  C5    C6     sing Y N 41  
DA  C5    C4     doub Y N 42  
DA  C6    N6     sing N N 43  
DA  C6    N1     doub Y N 44  
DA  N6    H61    sing N N 45  
DA  N6    H62    sing N N 46  
DA  N1    C2     sing Y N 47  
DA  C2    N3     doub Y N 48  
DA  C2    H2     sing N N 49  
DA  N3    C4     sing Y N 50  
DC  OP3   P      sing N N 51  
DC  OP3   HOP3   sing N N 52  
DC  P     OP1    doub N N 53  
DC  P     OP2    sing N N 54  
DC  P     "O5'"  sing N N 55  
DC  OP2   HOP2   sing N N 56  
DC  "O5'" "C5'"  sing N N 57  
DC  "C5'" "C4'"  sing N N 58  
DC  "C5'" "H5'"  sing N N 59  
DC  "C5'" "H5''" sing N N 60  
DC  "C4'" "O4'"  sing N N 61  
DC  "C4'" "C3'"  sing N N 62  
DC  "C4'" "H4'"  sing N N 63  
DC  "O4'" "C1'"  sing N N 64  
DC  "C3'" "O3'"  sing N N 65  
DC  "C3'" "C2'"  sing N N 66  
DC  "C3'" "H3'"  sing N N 67  
DC  "O3'" "HO3'" sing N N 68  
DC  "C2'" "C1'"  sing N N 69  
DC  "C2'" "H2'"  sing N N 70  
DC  "C2'" "H2''" sing N N 71  
DC  "C1'" N1     sing N N 72  
DC  "C1'" "H1'"  sing N N 73  
DC  N1    C2     sing N N 74  
DC  N1    C6     sing N N 75  
DC  C2    O2     doub N N 76  
DC  C2    N3     sing N N 77  
DC  N3    C4     doub N N 78  
DC  C4    N4     sing N N 79  
DC  C4    C5     sing N N 80  
DC  N4    H41    sing N N 81  
DC  N4    H42    sing N N 82  
DC  C5    C6     doub N N 83  
DC  C5    H5     sing N N 84  
DC  C6    H6     sing N N 85  
DG  OP3   P      sing N N 86  
DG  OP3   HOP3   sing N N 87  
DG  P     OP1    doub N N 88  
DG  P     OP2    sing N N 89  
DG  P     "O5'"  sing N N 90  
DG  OP2   HOP2   sing N N 91  
DG  "O5'" "C5'"  sing N N 92  
DG  "C5'" "C4'"  sing N N 93  
DG  "C5'" "H5'"  sing N N 94  
DG  "C5'" "H5''" sing N N 95  
DG  "C4'" "O4'"  sing N N 96  
DG  "C4'" "C3'"  sing N N 97  
DG  "C4'" "H4'"  sing N N 98  
DG  "O4'" "C1'"  sing N N 99  
DG  "C3'" "O3'"  sing N N 100 
DG  "C3'" "C2'"  sing N N 101 
DG  "C3'" "H3'"  sing N N 102 
DG  "O3'" "HO3'" sing N N 103 
DG  "C2'" "C1'"  sing N N 104 
DG  "C2'" "H2'"  sing N N 105 
DG  "C2'" "H2''" sing N N 106 
DG  "C1'" N9     sing N N 107 
DG  "C1'" "H1'"  sing N N 108 
DG  N9    C8     sing Y N 109 
DG  N9    C4     sing Y N 110 
DG  C8    N7     doub Y N 111 
DG  C8    H8     sing N N 112 
DG  N7    C5     sing Y N 113 
DG  C5    C6     sing N N 114 
DG  C5    C4     doub Y N 115 
DG  C6    O6     doub N N 116 
DG  C6    N1     sing N N 117 
DG  N1    C2     sing N N 118 
DG  N1    H1     sing N N 119 
DG  C2    N2     sing N N 120 
DG  C2    N3     doub N N 121 
DG  N2    H21    sing N N 122 
DG  N2    H22    sing N N 123 
DG  N3    C4     sing N N 124 
DSN N     CA     sing N N 125 
DSN N     H      sing N N 126 
DSN N     H2     sing N N 127 
DSN CA    C      sing N N 128 
DSN CA    CB     sing N N 129 
DSN CA    HA     sing N N 130 
DSN C     O      doub N N 131 
DSN C     OXT    sing N N 132 
DSN OXT   HXT    sing N N 133 
DSN CB    OG     sing N N 134 
DSN CB    HB2    sing N N 135 
DSN CB    HB3    sing N N 136 
DSN OG    HG     sing N N 137 
DT  OP3   P      sing N N 138 
DT  OP3   HOP3   sing N N 139 
DT  P     OP1    doub N N 140 
DT  P     OP2    sing N N 141 
DT  P     "O5'"  sing N N 142 
DT  OP2   HOP2   sing N N 143 
DT  "O5'" "C5'"  sing N N 144 
DT  "C5'" "C4'"  sing N N 145 
DT  "C5'" "H5'"  sing N N 146 
DT  "C5'" "H5''" sing N N 147 
DT  "C4'" "O4'"  sing N N 148 
DT  "C4'" "C3'"  sing N N 149 
DT  "C4'" "H4'"  sing N N 150 
DT  "O4'" "C1'"  sing N N 151 
DT  "C3'" "O3'"  sing N N 152 
DT  "C3'" "C2'"  sing N N 153 
DT  "C3'" "H3'"  sing N N 154 
DT  "O3'" "HO3'" sing N N 155 
DT  "C2'" "C1'"  sing N N 156 
DT  "C2'" "H2'"  sing N N 157 
DT  "C2'" "H2''" sing N N 158 
DT  "C1'" N1     sing N N 159 
DT  "C1'" "H1'"  sing N N 160 
DT  N1    C2     sing N N 161 
DT  N1    C6     sing N N 162 
DT  C2    O2     doub N N 163 
DT  C2    N3     sing N N 164 
DT  N3    C4     sing N N 165 
DT  N3    H3     sing N N 166 
DT  C4    O4     doub N N 167 
DT  C4    C5     sing N N 168 
DT  C5    C7     sing N N 169 
DT  C5    C6     doub N N 170 
DT  C7    H71    sing N N 171 
DT  C7    H72    sing N N 172 
DT  C7    H73    sing N N 173 
DT  C6    H6     sing N N 174 
HOH O     H1     sing N N 175 
HOH O     H2     sing N N 176 
MVA N     CN     sing N N 177 
MVA N     CA     sing N N 178 
MVA N     H      sing N N 179 
MVA CN    HN1    sing N N 180 
MVA CN    HN2    sing N N 181 
MVA CN    HN3    sing N N 182 
MVA CA    CB     sing N N 183 
MVA CA    C      sing N N 184 
MVA CA    HA     sing N N 185 
MVA CB    CG1    sing N N 186 
MVA CB    CG2    sing N N 187 
MVA CB    HB     sing N N 188 
MVA CG1   HG11   sing N N 189 
MVA CG1   HG12   sing N N 190 
MVA CG1   HG13   sing N N 191 
MVA CG2   HG21   sing N N 192 
MVA CG2   HG22   sing N N 193 
MVA CG2   HG23   sing N N 194 
MVA C     O      doub N N 195 
MVA C     OXT    sing N N 196 
MVA OXT   HXT    sing N N 197 
N2C N     CA     sing N N 198 
N2C N     CN     sing N N 199 
N2C N     H      sing N N 200 
N2C CA    CB     sing N N 201 
N2C CA    C      sing N N 202 
N2C CA    HA     sing N N 203 
N2C CB    SG     sing N N 204 
N2C CB    HB2    sing N N 205 
N2C CB    HB3    sing N N 206 
N2C SG    CD     sing N N 207 
N2C CD    HD1    sing N N 208 
N2C CD    HD2    sing N N 209 
N2C CD    HD3    sing N N 210 
N2C CN    HN1    sing N N 211 
N2C CN    HN2    sing N N 212 
N2C CN    HN3    sing N N 213 
N2C C     O      doub N N 214 
N2C C     OXT    sing N N 215 
N2C OXT   HXT    sing N N 216 
NCY N     CA     sing N N 217 
NCY N     CN     sing N N 218 
NCY N     H      sing N N 219 
NCY CA    CB     sing N N 220 
NCY CA    C      sing N N 221 
NCY CA    HA     sing N N 222 
NCY CB    SG     sing N N 223 
NCY CB    HB2    sing N N 224 
NCY CB    HB3    sing N N 225 
NCY SG    HG     sing N N 226 
NCY CN    HCN1   sing N N 227 
NCY CN    HCN2   sing N N 228 
NCY CN    HCN3   sing N N 229 
NCY C     O      doub N N 230 
NCY C     OXT    sing N N 231 
NCY OXT   HXT    sing N N 232 
QUI N1    C2     doub Y N 233 
QUI N1    C9     sing Y N 234 
QUI C2    C3     sing Y N 235 
QUI C2    C      sing N N 236 
QUI C3    N4     doub Y N 237 
QUI C3    H3     sing N N 238 
QUI N4    C10    sing Y N 239 
QUI C5    C6     doub Y N 240 
QUI C5    C10    sing Y N 241 
QUI C5    H5     sing N N 242 
QUI C6    C7     sing Y N 243 
QUI C6    H6     sing N N 244 
QUI C7    C8     doub Y N 245 
QUI C7    H7     sing N N 246 
QUI C8    C9     sing Y N 247 
QUI C8    H8     sing N N 248 
QUI C9    C10    doub Y N 249 
QUI C     O1     doub N N 250 
QUI C     O2     sing N N 251 
QUI O2    HO2    sing N N 252 
# 
_ndb_struct_conf_na.entry_id   1PFE 
_ndb_struct_conf_na.feature    'double helix' 
# 
loop_
_ndb_struct_na_base_pair.model_number 
_ndb_struct_na_base_pair.i_label_asym_id 
_ndb_struct_na_base_pair.i_label_comp_id 
_ndb_struct_na_base_pair.i_label_seq_id 
_ndb_struct_na_base_pair.i_symmetry 
_ndb_struct_na_base_pair.j_label_asym_id 
_ndb_struct_na_base_pair.j_label_comp_id 
_ndb_struct_na_base_pair.j_label_seq_id 
_ndb_struct_na_base_pair.j_symmetry 
_ndb_struct_na_base_pair.shear 
_ndb_struct_na_base_pair.stretch 
_ndb_struct_na_base_pair.stagger 
_ndb_struct_na_base_pair.buckle 
_ndb_struct_na_base_pair.propeller 
_ndb_struct_na_base_pair.opening 
_ndb_struct_na_base_pair.pair_number 
_ndb_struct_na_base_pair.pair_name 
_ndb_struct_na_base_pair.i_auth_asym_id 
_ndb_struct_na_base_pair.i_auth_seq_id 
_ndb_struct_na_base_pair.i_PDB_ins_code 
_ndb_struct_na_base_pair.j_auth_asym_id 
_ndb_struct_na_base_pair.j_auth_seq_id 
_ndb_struct_na_base_pair.j_PDB_ins_code 
_ndb_struct_na_base_pair.hbond_type_28 
_ndb_struct_na_base_pair.hbond_type_12 
1 A DG 1 1_555 A DC 8 9_555 0.445  -3.489 -0.388 4.097   -4.685 66.359  1 A_DG1:DC8_A A 1 ? A 8 ? ?  ? 
1 A DG 1 1_555 A DC 8 1_555 0.445  -3.489 -0.388 4.097   -4.685 66.359  2 A_DG1:DC8_A A 1 ? A 8 ? ?  ? 
1 A DC 2 1_555 A DG 7 9_555 0.376  -0.127 0.312  -23.917 6.552  -1.666  3 A_DC2:DG7_A A 2 ? A 7 ? 19 1 
1 A DG 3 1_555 A DC 6 9_555 -0.350 -0.080 0.358  23.129  7.146  -0.062  4 A_DG3:DC6_A A 3 ? A 6 ? 19 1 
1 A DT 4 1_555 A DA 5 9_555 -0.567 3.640  0.189  0.747   9.053  -67.135 5 A_DT4:DA5_A A 4 ? A 5 ? 23 3 
1 A DA 5 1_555 A DT 4 9_555 0.567  -3.640 -0.189 -0.747  -9.053 67.135  6 A_DA5:DT4_A A 5 ? A 4 ? 23 3 
1 A DC 6 1_555 A DG 3 9_555 0.350  -0.080 0.358  -23.129 7.146  -0.062  7 A_DC6:DG3_A A 6 ? A 3 ? 19 1 
1 A DG 7 1_555 A DC 2 9_555 -0.376 -0.127 0.312  23.917  6.552  -1.666  8 A_DG7:DC2_A A 7 ? A 2 ? 19 1 
# 
loop_
_ndb_struct_na_base_pair_step.model_number 
_ndb_struct_na_base_pair_step.i_label_asym_id_1 
_ndb_struct_na_base_pair_step.i_label_comp_id_1 
_ndb_struct_na_base_pair_step.i_label_seq_id_1 
_ndb_struct_na_base_pair_step.i_symmetry_1 
_ndb_struct_na_base_pair_step.j_label_asym_id_1 
_ndb_struct_na_base_pair_step.j_label_comp_id_1 
_ndb_struct_na_base_pair_step.j_label_seq_id_1 
_ndb_struct_na_base_pair_step.j_symmetry_1 
_ndb_struct_na_base_pair_step.i_label_asym_id_2 
_ndb_struct_na_base_pair_step.i_label_comp_id_2 
_ndb_struct_na_base_pair_step.i_label_seq_id_2 
_ndb_struct_na_base_pair_step.i_symmetry_2 
_ndb_struct_na_base_pair_step.j_label_asym_id_2 
_ndb_struct_na_base_pair_step.j_label_comp_id_2 
_ndb_struct_na_base_pair_step.j_label_seq_id_2 
_ndb_struct_na_base_pair_step.j_symmetry_2 
_ndb_struct_na_base_pair_step.shift 
_ndb_struct_na_base_pair_step.slide 
_ndb_struct_na_base_pair_step.rise 
_ndb_struct_na_base_pair_step.tilt 
_ndb_struct_na_base_pair_step.roll 
_ndb_struct_na_base_pair_step.twist 
_ndb_struct_na_base_pair_step.x_displacement 
_ndb_struct_na_base_pair_step.y_displacement 
_ndb_struct_na_base_pair_step.helical_rise 
_ndb_struct_na_base_pair_step.inclination 
_ndb_struct_na_base_pair_step.tip 
_ndb_struct_na_base_pair_step.helical_twist 
_ndb_struct_na_base_pair_step.step_number 
_ndb_struct_na_base_pair_step.step_name 
_ndb_struct_na_base_pair_step.i_auth_asym_id_1 
_ndb_struct_na_base_pair_step.i_auth_seq_id_1 
_ndb_struct_na_base_pair_step.i_PDB_ins_code_1 
_ndb_struct_na_base_pair_step.j_auth_asym_id_1 
_ndb_struct_na_base_pair_step.j_auth_seq_id_1 
_ndb_struct_na_base_pair_step.j_PDB_ins_code_1 
_ndb_struct_na_base_pair_step.i_auth_asym_id_2 
_ndb_struct_na_base_pair_step.i_auth_seq_id_2 
_ndb_struct_na_base_pair_step.i_PDB_ins_code_2 
_ndb_struct_na_base_pair_step.j_auth_asym_id_2 
_ndb_struct_na_base_pair_step.j_auth_seq_id_2 
_ndb_struct_na_base_pair_step.j_PDB_ins_code_2 
1 A DC 2 1_555 A DG 7 9_555 A DG 3 1_555 A DC 6 9_555 0.152  0.809  2.432  -1.150   2.248  -4.199   -21.547 -4.403 1.749  -27.621 
-14.134 -4.899   1 AA_DC2DG3:DC6DG7_AA A 2 ? A 7 ? A 3 ? A 6 ? 
1 A DG 3 1_555 A DC 6 9_555 A DT 4 1_555 A DA 5 9_555 0.307  -0.059 7.183  -5.488   8.186  65.388   -0.779  -0.767 7.090  7.533   
5.050   66.045   2 AA_DG3DT4:DA5DC6_AA A 3 ? A 6 ? A 4 ? A 5 ? 
1 A DT 4 1_555 A DA 5 9_555 A DA 5 1_555 A DT 4 9_555 2.940  -5.003 0.000  -151.053 78.005 180.000  -2.501  -1.470 0.000  39.003  
75.527  180.000  3 AA_DT4DA5:DT4DA5_AA A 4 ? A 5 ? A 5 ? A 4 ? 
1 A DA 5 1_555 A DT 4 9_555 A DC 6 1_555 A DG 3 9_555 3.695  6.164  -0.222 -143.188 91.904 -112.324 -3.042  1.917  -0.307 -46.401 
-72.294 -174.517 4 AA_DA5DC6:DG3DT4_AA A 5 ? A 4 ? A 6 ? A 3 ? 
1 A DC 6 1_555 A DG 3 9_555 A DG 7 1_555 A DC 2 9_555 -0.152 0.809  2.432  1.150    2.248  -4.199   -21.547 4.403  1.749  -27.621 
14.134  -4.899   5 AA_DC6DG7:DC2DG3_AA A 6 ? A 3 ? A 7 ? A 2 ? 
# 
_pdbx_initial_refinement_model.accession_code   ? 
_pdbx_initial_refinement_model.id               1 
_pdbx_initial_refinement_model.entity_id_list   ? 
_pdbx_initial_refinement_model.type             'experimental model' 
_pdbx_initial_refinement_model.source_name      Other 
_pdbx_initial_refinement_model.details          'TROSTIN A - (GCGTACGC)2 COMPLEX' 
# 
_atom_sites.entry_id                    1PFE 
_atom_sites.fract_transf_matrix[1][1]   0.00873450 
_atom_sites.fract_transf_matrix[1][2]   0.00995937 
_atom_sites.fract_transf_matrix[1][3]   -0.02616354 
_atom_sites.fract_transf_matrix[2][1]   0.02249319 
_atom_sites.fract_transf_matrix[2][2]   -0.01279526 
_atom_sites.fract_transf_matrix[2][3]   -0.01379680 
_atom_sites.fract_transf_matrix[3][1]   -0.00795126 
_atom_sites.fract_transf_matrix[3][2]   -0.00788082 
_atom_sites.fract_transf_matrix[3][3]   -0.00565437 
_atom_sites.fract_transf_vector[1]      0.012177 
_atom_sites.fract_transf_vector[2]      0.372669 
_atom_sites.fract_transf_vector[3]      0.137179 
# 
loop_
_atom_type.symbol 
C  
CL 
N  
O  
P  
S  
# 
loop_
_atom_site.group_PDB 
_atom_site.id 
_atom_site.type_symbol 
_atom_site.label_atom_id 
_atom_site.label_alt_id 
_atom_site.label_comp_id 
_atom_site.label_asym_id 
_atom_site.label_entity_id 
_atom_site.label_seq_id 
_atom_site.pdbx_PDB_ins_code 
_atom_site.Cartn_x 
_atom_site.Cartn_y 
_atom_site.Cartn_z 
_atom_site.occupancy 
_atom_site.B_iso_or_equiv 
_atom_site.pdbx_formal_charge 
_atom_site.auth_seq_id 
_atom_site.auth_comp_id 
_atom_site.auth_asym_id 
_atom_site.auth_atom_id 
_atom_site.pdbx_PDB_model_num 
ATOM   1   O  "O5'" . DG  A 1 1 ? 1.435  -12.534 -3.417 1.00 28.27 ? 1    DG  A "O5'" 1 
ATOM   2   C  "C5'" . DG  A 1 1 ? 0.909  -12.168 -4.629 1.00 17.33 ? 1    DG  A "C5'" 1 
ATOM   3   C  "C4'" A DG  A 1 1 ? 0.527  -10.690 -4.825 0.47 11.04 ? 1    DG  A "C4'" 1 
ATOM   4   C  "C4'" B DG  A 1 1 ? 0.634  -10.669 -4.635 0.53 10.58 ? 1    DG  A "C4'" 1 
ATOM   5   O  "O4'" . DG  A 1 1 ? -0.520 -10.305 -3.902 1.00 10.92 ? 1    DG  A "O4'" 1 
ATOM   6   C  "C3'" A DG  A 1 1 ? 1.587  -9.638  -4.580 0.47 9.84  ? 1    DG  A "C3'" 1 
ATOM   7   C  "C3'" B DG  A 1 1 ? 1.831  -9.960  -4.010 0.53 13.74 ? 1    DG  A "C3'" 1 
ATOM   8   O  "O3'" A DG  A 1 1 ? 1.580  -8.649  -5.599 0.47 11.70 ? 1    DG  A "O3'" 1 
ATOM   9   O  "O3'" B DG  A 1 1 ? 2.636  -9.657  -5.133 0.53 14.88 ? 1    DG  A "O3'" 1 
ATOM   10  C  "C2'" A DG  A 1 1 ? 1.244  -8.922  -3.317 0.47 12.75 ? 1    DG  A "C2'" 1 
ATOM   11  C  "C2'" B DG  A 1 1 ? 1.256  -8.803  -3.290 0.53 9.45  ? 1    DG  A "C2'" 1 
ATOM   12  C  "C1'" . DG  A 1 1 ? -0.174 -9.050  -3.095 1.00 9.75  ? 1    DG  A "C1'" 1 
ATOM   13  N  N9    . DG  A 1 1 ? -0.733 -9.437  -1.805 1.00 8.51  ? 1    DG  A N9    1 
ATOM   14  C  C8    . DG  A 1 1 ? -1.887 -8.972  -1.265 1.00 8.27  ? 1    DG  A C8    1 
ATOM   15  N  N7    . DG  A 1 1 ? -2.178 -9.486  -0.091 1.00 8.04  ? 1    DG  A N7    1 
ATOM   16  C  C5    . DG  A 1 1 ? -1.111 -10.358 0.148  1.00 7.83  ? 1    DG  A C5    1 
ATOM   17  C  C6    . DG  A 1 1 ? -0.873 -11.199 1.270  1.00 7.67  ? 1    DG  A C6    1 
ATOM   18  O  O6    . DG  A 1 1 ? -1.587 -11.325 2.276  1.00 8.26  ? 1    DG  A O6    1 
ATOM   19  N  N1    . DG  A 1 1 ? 0.306  -11.905 1.107  1.00 8.02  ? 1    DG  A N1    1 
ATOM   20  C  C2    . DG  A 1 1 ? 1.147  -11.817 0.019  1.00 9.09  ? 1    DG  A C2    1 
ATOM   21  N  N2    . DG  A 1 1 ? 2.250  -12.592 0.061  1.00 10.49 ? 1    DG  A N2    1 
ATOM   22  N  N3    . DG  A 1 1 ? 0.918  -11.038 -1.020 1.00 8.78  ? 1    DG  A N3    1 
ATOM   23  C  C4    . DG  A 1 1 ? -0.220 -10.337 -0.899 1.00 8.16  ? 1    DG  A C4    1 
ATOM   24  P  P     A DC  A 1 2 ? 2.932  -8.016  -6.159 0.47 13.42 ? 2    DC  A P     1 
ATOM   25  P  P     B DC  A 1 2 ? 4.216  -9.503  -5.022 0.53 19.26 ? 2    DC  A P     1 
ATOM   26  O  OP1   A DC  A 1 2 ? 2.529  -7.033  -7.230 0.47 18.35 ? 2    DC  A OP1   1 
ATOM   27  O  OP1   B DC  A 1 2 ? 4.760  -9.368  -6.387 0.53 36.91 ? 2    DC  A OP1   1 
ATOM   28  O  OP2   A DC  A 1 2 ? 3.997  -8.998  -6.504 0.47 13.67 ? 2    DC  A OP2   1 
ATOM   29  O  OP2   B DC  A 1 2 ? 4.850  -10.565 -4.153 0.53 42.28 ? 2    DC  A OP2   1 
ATOM   30  O  "O5'" A DC  A 1 2 ? 3.393  -7.163  -4.901 0.47 14.08 ? 2    DC  A "O5'" 1 
ATOM   31  O  "O5'" B DC  A 1 2 ? 4.232  -8.127  -4.218 0.53 16.35 ? 2    DC  A "O5'" 1 
ATOM   32  C  "C5'" A DC  A 1 2 ? 4.760  -7.042  -4.522 0.47 14.66 ? 2    DC  A "C5'" 1 
ATOM   33  C  "C5'" B DC  A 1 2 ? 5.220  -7.154  -4.446 0.53 46.88 ? 2    DC  A "C5'" 1 
ATOM   34  C  "C4'" A DC  A 1 2 ? 4.874  -5.724  -3.799 0.47 12.17 ? 2    DC  A "C4'" 1 
ATOM   35  C  "C4'" B DC  A 1 2 ? 4.897  -5.858  -3.771 0.53 18.27 ? 2    DC  A "C4'" 1 
ATOM   36  O  "O4'" . DC  A 1 2 ? 4.301  -5.877  -2.493 1.00 12.23 ? 2    DC  A "O4'" 1 
ATOM   37  C  "C3'" . DC  A 1 2 ? 6.265  -5.204  -3.498 1.00 12.48 ? 2    DC  A "C3'" 1 
ATOM   38  O  "O3'" . DC  A 1 2 ? 6.786  -4.675  -4.705 1.00 15.45 ? 2    DC  A "O3'" 1 
ATOM   39  C  "C2'" . DC  A 1 2 ? 5.948  -4.195  -2.436 1.00 11.09 ? 2    DC  A "C2'" 1 
ATOM   40  C  "C1'" . DC  A 1 2 ? 4.751  -4.679  -1.700 1.00 10.13 ? 2    DC  A "C1'" 1 
ATOM   41  N  N1    . DC  A 1 2 ? 4.875  -5.212  -0.376 1.00 8.95  ? 2    DC  A N1    1 
ATOM   42  C  C2    . DC  A 1 2 ? 3.937  -4.843  0.625  1.00 8.39  ? 2    DC  A C2    1 
ATOM   43  O  O2    . DC  A 1 2 ? 3.051  -4.043  0.321  1.00 8.84  ? 2    DC  A O2    1 
ATOM   44  N  N3    . DC  A 1 2 ? 4.020  -5.360  1.856  1.00 8.62  ? 2    DC  A N3    1 
ATOM   45  C  C4    . DC  A 1 2 ? 5.005  -6.230  2.145  1.00 9.10  ? 2    DC  A C4    1 
ATOM   46  N  N4    . DC  A 1 2 ? 5.062  -6.709  3.374  1.00 10.15 ? 2    DC  A N4    1 
ATOM   47  C  C5    . DC  A 1 2 ? 5.985  -6.623  1.160  1.00 10.36 ? 2    DC  A C5    1 
ATOM   48  C  C6    . DC  A 1 2 ? 5.850  -6.104  -0.057 1.00 10.15 ? 2    DC  A C6    1 
ATOM   49  P  P     . DG  A 1 3 ? 8.233  -3.983  -4.752 1.00 17.25 ? 3    DG  A P     1 
ATOM   50  O  OP1   . DG  A 1 3 ? 8.510  -3.828  -6.200 1.00 21.98 ? 3    DG  A OP1   1 
ATOM   51  O  OP2   . DG  A 1 3 ? 9.171  -4.741  -3.878 1.00 20.21 ? 3    DG  A OP2   1 
ATOM   52  O  "O5'" . DG  A 1 3 ? 7.861  -2.551  -4.162 1.00 16.19 ? 3    DG  A "O5'" 1 
ATOM   53  C  "C5'" . DG  A 1 3 ? 8.891  -1.778  -3.530 1.00 20.15 ? 3    DG  A "C5'" 1 
ATOM   54  C  "C4'" . DG  A 1 3 ? 8.198  -0.829  -2.565 1.00 14.63 ? 3    DG  A "C4'" 1 
ATOM   55  O  "O4'" . DG  A 1 3 ? 7.565  -1.649  -1.551 1.00 14.05 ? 3    DG  A "O4'" 1 
ATOM   56  C  "C3'" . DG  A 1 3 ? 9.065  0.166   -1.822 1.00 14.42 ? 3    DG  A "C3'" 1 
ATOM   57  O  "O3'" . DG  A 1 3 ? 8.557  1.483   -1.932 1.00 15.52 ? 3    DG  A "O3'" 1 
ATOM   58  C  "C2'" . DG  A 1 3 ? 8.980  -0.294  -0.401 1.00 14.88 ? 3    DG  A "C2'" 1 
ATOM   59  C  "C1'" . DG  A 1 3 ? 7.557  -1.020  -0.376 1.00 12.81 ? 3    DG  A "C1'" 1 
ATOM   60  N  N9    . DG  A 1 3 ? 7.483  -1.878  0.780  1.00 12.50 ? 3    DG  A N9    1 
ATOM   61  C  C8    . DG  A 1 3 ? 8.438  -2.720  1.317  1.00 14.61 ? 3    DG  A C8    1 
ATOM   62  N  N7    . DG  A 1 3 ? 8.025  -3.356  2.380  1.00 14.74 ? 3    DG  A N7    1 
ATOM   63  C  C5    . DG  A 1 3 ? 6.714  -2.914  2.570  1.00 12.34 ? 3    DG  A C5    1 
ATOM   64  C  C6    . DG  A 1 3 ? 5.787  -3.256  3.565  1.00 11.27 ? 3    DG  A C6    1 
ATOM   65  O  O6    . DG  A 1 3 ? 5.969  -4.045  4.483  1.00 14.36 ? 3    DG  A O6    1 
ATOM   66  N  N1    . DG  A 1 3 ? 4.589  -2.598  3.412  1.00 10.57 ? 3    DG  A N1    1 
ATOM   67  C  C2    . DG  A 1 3 ? 4.319  -1.725  2.417  1.00 9.83  ? 3    DG  A C2    1 
ATOM   68  N  N2    . DG  A 1 3 ? 3.097  -1.158  2.393  1.00 9.46  ? 3    DG  A N2    1 
ATOM   69  N  N3    . DG  A 1 3 ? 5.193  -1.396  1.479  1.00 10.46 ? 3    DG  A N3    1 
ATOM   70  C  C4    . DG  A 1 3 ? 6.375  -2.013  1.601  1.00 10.87 ? 3    DG  A C4    1 
ATOM   71  P  P     . DT  A 1 4 ? 8.990  2.432   -3.142 1.00 17.90 ? 4    DT  A P     1 
ATOM   72  O  OP1   . DT  A 1 4 ? 8.268  1.928   -4.359 1.00 21.88 ? 4    DT  A OP1   1 
ATOM   73  O  OP2   . DT  A 1 4 ? 10.448 2.618   -3.166 1.00 20.66 ? 4    DT  A OP2   1 
ATOM   74  O  "O5'" . DT  A 1 4 ? 8.368  3.795   -2.644 1.00 16.22 ? 4    DT  A "O5'" 1 
ATOM   75  C  "C5'" . DT  A 1 4 ? 6.975  4.028   -2.691 1.00 15.59 ? 4    DT  A "C5'" 1 
ATOM   76  C  "C4'" . DT  A 1 4 ? 6.661  5.195   -1.798 1.00 13.42 ? 4    DT  A "C4'" 1 
ATOM   77  O  "O4'" . DT  A 1 4 ? 6.763  4.776   -0.422 1.00 13.72 ? 4    DT  A "O4'" 1 
ATOM   78  C  "C3'" . DT  A 1 4 ? 7.593  6.407   -1.927 1.00 12.64 ? 4    DT  A "C3'" 1 
ATOM   79  O  "O3'" . DT  A 1 4 ? 6.765  7.579   -1.954 1.00 14.96 ? 4    DT  A "O3'" 1 
ATOM   80  C  "C2'" . DT  A 1 4 ? 8.518  6.322   -0.754 1.00 11.42 ? 4    DT  A "C2'" 1 
ATOM   81  C  "C1'" . DT  A 1 4 ? 7.738  5.645   0.315  1.00 11.42 ? 4    DT  A "C1'" 1 
ATOM   82  N  N1    . DT  A 1 4 ? 8.366  4.689   1.207  1.00 10.41 ? 4    DT  A N1    1 
ATOM   83  C  C2    . DT  A 1 4 ? 7.877  4.561   2.506  1.00 10.05 ? 4    DT  A C2    1 
ATOM   84  O  O2    . DT  A 1 4 ? 6.954  5.228   2.946  1.00 11.19 ? 4    DT  A O2    1 
ATOM   85  N  N3    . DT  A 1 4 ? 8.493  3.640   3.294  1.00 9.78  ? 4    DT  A N3    1 
ATOM   86  C  C4    . DT  A 1 4 ? 9.515  2.784   2.924  1.00 10.39 ? 4    DT  A C4    1 
ATOM   87  O  O4    . DT  A 1 4 ? 9.953  1.986   3.777  1.00 11.71 ? 4    DT  A O4    1 
ATOM   88  C  C5    . DT  A 1 4 ? 9.998  2.942   1.579  1.00 10.38 ? 4    DT  A C5    1 
ATOM   89  C  C7    . DT  A 1 4 ? 11.112 2.104   1.031  1.00 13.09 ? 4    DT  A C7    1 
ATOM   90  C  C6    . DT  A 1 4 ? 9.401  3.855   0.804  1.00 10.95 ? 4    DT  A C6    1 
ATOM   91  P  P     . DA  A 1 5 ? 7.412  8.992   -2.268 1.00 16.16 ? 5    DA  A P     1 
ATOM   92  O  OP1   . DA  A 1 5 ? 6.292  9.859   -2.760 1.00 24.91 ? 5    DA  A OP1   1 
ATOM   93  O  OP2   . DA  A 1 5 ? 8.629  8.810   -3.095 1.00 23.33 ? 5    DA  A OP2   1 
ATOM   94  O  "O5'" . DA  A 1 5 ? 7.851  9.564   -0.855 1.00 13.62 ? 5    DA  A "O5'" 1 
ATOM   95  C  "C5'" . DA  A 1 5 ? 6.884  9.976   0.106  1.00 13.31 ? 5    DA  A "C5'" 1 
ATOM   96  C  "C4'" . DA  A 1 5 ? 7.579  10.232  1.409  1.00 13.23 ? 5    DA  A "C4'" 1 
ATOM   97  O  "O4'" . DA  A 1 5 ? 8.088  8.981   1.955  1.00 12.31 ? 5    DA  A "O4'" 1 
ATOM   98  C  "C3'" . DA  A 1 5 ? 8.806  11.142  1.337  1.00 13.85 ? 5    DA  A "C3'" 1 
ATOM   99  O  "O3'" . DA  A 1 5 ? 8.414  12.458  1.675  1.00 15.48 ? 5    DA  A "O3'" 1 
ATOM   100 C  "C2'" . DA  A 1 5 ? 9.814  10.535  2.305  1.00 13.24 ? 5    DA  A "C2'" 1 
ATOM   101 C  "C1'" . DA  A 1 5 ? 9.028  9.411   2.947  1.00 12.69 ? 5    DA  A "C1'" 1 
ATOM   102 N  N9    . DA  A 1 5 ? 9.734  8.171   3.333  1.00 11.09 ? 5    DA  A N9    1 
ATOM   103 C  C8    . DA  A 1 5 ? 9.588  7.568   4.544  1.00 11.10 ? 5    DA  A C8    1 
ATOM   104 N  N7    . DA  A 1 5 ? 10.290 6.477   4.675  1.00 10.08 ? 5    DA  A N7    1 
ATOM   105 C  C5    . DA  A 1 5 ? 10.947 6.356   3.451  1.00 10.78 ? 5    DA  A C5    1 
ATOM   106 C  C6    . DA  A 1 5 ? 11.838 5.411   2.975  1.00 11.55 ? 5    DA  A C6    1 
ATOM   107 N  N6    . DA  A 1 5 ? 12.237 4.362   3.706  1.00 12.06 ? 5    DA  A N6    1 
ATOM   108 N  N1    . DA  A 1 5 ? 12.320 5.551   1.718  1.00 12.69 ? 5    DA  A N1    1 
ATOM   109 C  C2    . DA  A 1 5 ? 11.911 6.609   0.989  1.00 13.34 ? 5    DA  A C2    1 
ATOM   110 N  N3    . DA  A 1 5 ? 11.065 7.565   1.358  1.00 12.51 ? 5    DA  A N3    1 
ATOM   111 C  C4    . DA  A 1 5 ? 10.608 7.400   2.613  1.00 11.07 ? 5    DA  A C4    1 
ATOM   112 P  P     . DC  A 1 6 ? 9.134  13.751  1.099  1.00 17.94 ? 6    DC  A P     1 
ATOM   113 O  OP1   . DC  A 1 6 ? 8.373  14.982  1.448  1.00 25.23 ? 6    DC  A OP1   1 
ATOM   114 O  OP2   . DC  A 1 6 ? 9.466  13.577  -0.321 1.00 23.04 ? 6    DC  A OP2   1 
ATOM   115 O  "O5'" . DC  A 1 6 ? 10.504 13.685  1.893  1.00 17.32 ? 6    DC  A "O5'" 1 
ATOM   116 C  "C5'" . DC  A 1 6 ? 11.641 14.481  1.442  1.00 18.45 ? 6    DC  A "C5'" 1 
ATOM   117 C  "C4'" . DC  A 1 6 ? 12.551 14.742  2.610  1.00 15.21 ? 6    DC  A "C4'" 1 
ATOM   118 O  "O4'" . DC  A 1 6 ? 13.134 13.534  3.077  1.00 17.04 ? 6    DC  A "O4'" 1 
ATOM   119 C  "C3'" . DC  A 1 6 ? 13.727 15.614  2.216  1.00 14.50 ? 6    DC  A "C3'" 1 
ATOM   120 O  "O3'" . DC  A 1 6 ? 13.287 16.978  2.193  1.00 13.24 ? 6    DC  A "O3'" 1 
ATOM   121 C  "C2'" . DC  A 1 6 ? 14.764 15.278  3.251  1.00 16.98 ? 6    DC  A "C2'" 1 
ATOM   122 C  "C1'" . DC  A 1 6 ? 14.326 13.976  3.836  1.00 14.67 ? 6    DC  A "C1'" 1 
ATOM   123 N  N1    . DC  A 1 6 ? 15.205 12.827  3.726  1.00 13.28 ? 6    DC  A N1    1 
ATOM   124 C  C2    . DC  A 1 6 ? 15.478 12.018  4.838  1.00 11.73 ? 6    DC  A C2    1 
ATOM   125 O  O2    . DC  A 1 6 ? 14.973 12.303  5.919  1.00 11.00 ? 6    DC  A O2    1 
ATOM   126 N  N3    . DC  A 1 6 ? 16.300 10.953  4.668  1.00 11.76 ? 6    DC  A N3    1 
ATOM   127 C  C4    . DC  A 1 6 ? 16.822 10.662  3.489  1.00 14.65 ? 6    DC  A C4    1 
ATOM   128 N  N4    . DC  A 1 6 ? 17.626 9.593   3.387  1.00 16.36 ? 6    DC  A N4    1 
ATOM   129 C  C5    . DC  A 1 6 ? 16.564 11.465  2.336  1.00 16.68 ? 6    DC  A C5    1 
ATOM   130 C  C6    . DC  A 1 6 ? 15.761 12.508  2.511  1.00 16.10 ? 6    DC  A C6    1 
ATOM   131 P  P     . DG  A 1 7 ? 14.319 18.103  1.725  1.00 11.26 ? 7    DG  A P     1 
ATOM   132 O  OP1   . DG  A 1 7 ? 13.530 19.241  1.249  1.00 12.57 ? 7    DG  A OP1   1 
ATOM   133 O  OP2   . DG  A 1 7 ? 15.315 17.554  0.707  1.00 13.33 ? 7    DG  A OP2   1 
ATOM   134 O  "O5'" . DG  A 1 7 ? 15.076 18.462  3.090  1.00 10.51 ? 7    DG  A "O5'" 1 
ATOM   135 C  "C5'" . DG  A 1 7 ? 16.384 18.998  3.104  1.00 9.90  ? 7    DG  A "C5'" 1 
ATOM   136 C  "C4'" . DG  A 1 7 ? 17.028 18.578  4.384  1.00 9.14  ? 7    DG  A "C4'" 1 
ATOM   137 O  "O4'" . DG  A 1 7 ? 17.111 17.145  4.368  1.00 9.29  ? 7    DG  A "O4'" 1 
ATOM   138 C  "C3'" . DG  A 1 7 ? 18.450 19.067  4.580  1.00 8.87  ? 7    DG  A "C3'" 1 
ATOM   139 O  "O3'" . DG  A 1 7 ? 18.537 19.901  5.743  1.00 9.82  ? 7    DG  A "O3'" 1 
ATOM   140 C  "C2'" . DG  A 1 7 ? 19.293 17.853  4.778  1.00 9.37  ? 7    DG  A "C2'" 1 
ATOM   141 C  "C1'" . DG  A 1 7 ? 18.153 16.795  5.132  1.00 8.87  ? 7    DG  A "C1'" 1 
ATOM   142 N  N9    . DG  A 1 7 ? 18.655 15.436  4.892  1.00 9.05  ? 7    DG  A N9    1 
ATOM   143 C  C8    . DG  A 1 7 ? 19.383 14.998  3.819  1.00 10.37 ? 7    DG  A C8    1 
ATOM   144 N  N7    . DG  A 1 7 ? 19.696 13.737  3.869  1.00 11.65 ? 7    DG  A N7    1 
ATOM   145 C  C5    . DG  A 1 7 ? 19.136 13.315  5.056  1.00 9.67  ? 7    DG  A C5    1 
ATOM   146 C  C6    . DG  A 1 7 ? 19.143 12.053  5.663  1.00 9.67  ? 7    DG  A C6    1 
ATOM   147 O  O6    . DG  A 1 7 ? 19.657 11.021  5.252  1.00 11.12 ? 7    DG  A O6    1 
ATOM   148 N  N1    . DG  A 1 7 ? 18.460 12.053  6.881  1.00 8.94  ? 7    DG  A N1    1 
ATOM   149 C  C2    . DG  A 1 7 ? 17.834 13.127  7.431  1.00 8.46  ? 7    DG  A C2    1 
ATOM   150 N  N2    . DG  A 1 7 ? 17.215 12.931  8.609  1.00 8.87  ? 7    DG  A N2    1 
ATOM   151 N  N3    . DG  A 1 7 ? 17.817 14.325  6.879  1.00 8.00  ? 7    DG  A N3    1 
ATOM   152 C  C4    . DG  A 1 7 ? 18.483 14.351  5.708  1.00 8.25  ? 7    DG  A C4    1 
ATOM   153 P  P     . DC  A 1 8 ? 18.506 21.495  5.629  1.00 9.67  ? 8    DC  A P     1 
ATOM   154 O  OP1   . DC  A 1 8 ? 17.357 21.922  4.810  1.00 10.92 ? 8    DC  A OP1   1 
ATOM   155 O  OP2   . DC  A 1 8 ? 19.854 22.024  5.219  1.00 9.88  ? 8    DC  A OP2   1 
ATOM   156 O  "O5'" . DC  A 1 8 ? 18.321 21.860  7.168  1.00 10.47 ? 8    DC  A "O5'" 1 
ATOM   157 C  "C5'" . DC  A 1 8 ? 17.166 21.366  7.880  1.00 10.84 ? 8    DC  A "C5'" 1 
ATOM   158 C  "C4'" . DC  A 1 8 ? 17.444 21.141  9.353  1.00 10.76 ? 8    DC  A "C4'" 1 
ATOM   159 O  "O4'" . DC  A 1 8 ? 18.406 20.107  9.501  1.00 10.35 ? 8    DC  A "O4'" 1 
ATOM   160 C  "C3'" . DC  A 1 8 ? 18.068 22.335  10.107 1.00 11.30 ? 8    DC  A "C3'" 1 
ATOM   161 O  "O3'" . DC  A 1 8 ? 17.610 22.388  11.434 1.00 13.53 ? 8    DC  A "O3'" 1 
ATOM   162 C  "C2'" . DC  A 1 8 ? 19.537 22.071  10.065 1.00 9.93  ? 8    DC  A "C2'" 1 
ATOM   163 C  "C1'" . DC  A 1 8 ? 19.668 20.614  10.145 1.00 9.68  ? 8    DC  A "C1'" 1 
ATOM   164 N  N1    . DC  A 1 8 ? 20.712 19.928  9.396  1.00 8.52  ? 8    DC  A N1    1 
ATOM   165 C  C2    . DC  A 1 8 ? 21.294 18.809  9.967  1.00 8.39  ? 8    DC  A C2    1 
ATOM   166 O  O2    . DC  A 1 8 ? 21.007 18.386  11.095 1.00 9.08  ? 8    DC  A O2    1 
ATOM   167 N  N3    . DC  A 1 8 ? 22.259 18.159  9.228  1.00 7.97  ? 8    DC  A N3    1 
ATOM   168 C  C4    . DC  A 1 8 ? 22.597 18.529  8.000  1.00 7.98  ? 8    DC  A C4    1 
ATOM   169 N  N4    . DC  A 1 8 ? 23.526 17.845  7.351  1.00 8.97  ? 8    DC  A N4    1 
ATOM   170 C  C5    . DC  A 1 8 ? 21.964 19.675  7.433  1.00 8.28  ? 8    DC  A C5    1 
ATOM   171 C  C6    . DC  A 1 8 ? 21.042 20.319  8.127  1.00 8.62  ? 8    DC  A C6    1 
HETATM 172 N  N     . DSN B 2 1 ? -2.190 -5.237  0.816  1.00 8.42  ? 1    DSN B N     1 
HETATM 173 C  CA    . DSN B 2 1 ? -3.373 -4.529  0.424  1.00 8.46  ? 1    DSN B CA    1 
HETATM 174 C  C     . DSN B 2 1 ? -3.470 -3.103  0.923  1.00 9.38  ? 1    DSN B C     1 
HETATM 175 O  O     . DSN B 2 1 ? -4.172 -2.285  0.356  1.00 11.09 ? 1    DSN B O     1 
HETATM 176 C  CB    . DSN B 2 1 ? -3.569 -4.600  -1.108 1.00 9.89  ? 1    DSN B CB    1 
HETATM 177 O  OG    . DSN B 2 1 ? -2.510 -3.886  -1.782 1.00 9.76  ? 1    DSN B OG    1 
ATOM   178 N  N     . ALA B 2 2 ? -2.765 -2.818  2.041  1.00 8.91  ? 2    ALA B N     1 
ATOM   179 C  CA    . ALA B 2 2 ? -2.760 -1.489  2.577  1.00 9.44  ? 2    ALA B CA    1 
ATOM   180 C  C     . ALA B 2 2 ? -1.846 -0.596  1.735  1.00 9.57  ? 2    ALA B C     1 
ATOM   181 O  O     . ALA B 2 2 ? -0.969 -1.114  1.056  1.00 10.03 ? 2    ALA B O     1 
ATOM   182 C  CB    . ALA B 2 2 ? -2.267 -1.455  4.004  1.00 10.45 ? 2    ALA B CB    1 
HETATM 183 N  N     A N2C B 2 3 ? -2.033 0.745   1.760  0.56 10.49 ? 3    N2C B N     1 
HETATM 184 C  CA    A N2C B 2 3 ? -1.218 1.598   0.878  0.56 11.67 ? 3    N2C B CA    1 
HETATM 185 C  CB    A N2C B 2 3 ? -2.035 2.091   -0.386 0.56 14.72 ? 3    N2C B CB    1 
HETATM 186 S  SG    A N2C B 2 3 ? -3.165 0.759   -0.887 0.56 14.46 ? 3    N2C B SG    1 
HETATM 187 C  CN    A N2C B 2 3 ? -3.182 1.422   2.409  0.56 11.86 ? 3    N2C B CN    1 
HETATM 188 C  C     A N2C B 2 3 ? -0.632 2.767   1.658  0.56 11.64 ? 3    N2C B C     1 
HETATM 189 O  O     A N2C B 2 3 ? -1.029 3.920   1.409  0.56 14.44 ? 3    N2C B O     1 
HETATM 190 N  N     B NCY B 2 3 ? -2.033 0.745   1.760  0.44 10.49 ? 3    NCY B N     1 
HETATM 191 C  CA    B NCY B 2 3 ? -1.218 1.598   0.878  0.44 11.67 ? 3    NCY B CA    1 
HETATM 192 C  CB    B NCY B 2 3 ? -2.054 2.147   -0.227 0.44 12.51 ? 3    NCY B CB    1 
HETATM 193 S  SG    B NCY B 2 3 ? -2.394 1.215   -1.727 0.44 12.22 ? 3    NCY B SG    1 
HETATM 194 C  CN    B NCY B 2 3 ? -3.182 1.422   2.409  0.44 11.86 ? 3    NCY B CN    1 
HETATM 195 C  C     B NCY B 2 3 ? -0.632 2.767   1.658  0.44 11.64 ? 3    NCY B C     1 
HETATM 196 O  O     B NCY B 2 3 ? -1.029 3.920   1.409  0.44 14.44 ? 3    NCY B O     1 
HETATM 197 N  N     . MVA B 2 4 ? 0.312  2.526   2.576  1.00 11.01 ? 4    MVA B N     1 
HETATM 198 C  CN    . MVA B 2 4 ? 0.838  1.178   2.889  1.00 11.52 ? 4    MVA B CN    1 
HETATM 199 C  CA    . MVA B 2 4 ? 0.864  3.676   3.352  1.00 12.57 ? 4    MVA B CA    1 
HETATM 200 C  CB    . MVA B 2 4 ? 0.508  3.604   4.836  1.00 13.26 ? 4    MVA B CB    1 
HETATM 201 C  CG1   . MVA B 2 4 ? 0.808  4.923   5.527  1.00 15.89 ? 4    MVA B CG1   1 
HETATM 202 C  CG2   . MVA B 2 4 ? -0.957 3.227   5.038  1.00 14.22 ? 4    MVA B CG2   1 
HETATM 203 C  C     . MVA B 2 4 ? 2.370  3.750   3.169  1.00 12.32 ? 4    MVA B C     1 
HETATM 204 O  O     . MVA B 2 4 ? 3.185  3.775   4.066  1.00 14.24 ? 4    MVA B O     1 
HETATM 205 N  N     . DSN B 2 5 ? 4.894  1.891   2.180  1.00 10.68 ? 5    DSN B N     1 
HETATM 206 C  CA    . DSN B 2 5 ? 4.789  2.818   1.071  1.00 11.29 ? 5    DSN B CA    1 
HETATM 207 C  C     . DSN B 2 5 ? 4.193  2.214   -0.204 1.00 11.51 ? 5    DSN B C     1 
HETATM 208 O  O     . DSN B 2 5 ? 3.687  2.945   -1.049 1.00 12.39 ? 5    DSN B O     1 
HETATM 209 C  CB    . DSN B 2 5 ? 4.062  4.096   1.518  1.00 11.65 ? 5    DSN B CB    1 
HETATM 210 O  OG    . DSN B 2 5 ? 2.703  3.756   1.886  1.00 11.39 ? 5    DSN B OG    1 
ATOM   211 N  N     . ALA B 2 6 ? 4.319  0.915   -0.378 1.00 11.42 ? 6    ALA B N     1 
ATOM   212 C  CA    . ALA B 2 6 ? 3.716  0.237   -1.515 1.00 11.00 ? 6    ALA B CA    1 
ATOM   213 C  C     . ALA B 2 6 ? 2.184  0.135   -1.309 1.00 10.62 ? 6    ALA B C     1 
ATOM   214 O  O     . ALA B 2 6 ? 1.749  0.095   -0.175 1.00 10.66 ? 6    ALA B O     1 
ATOM   215 C  CB    . ALA B 2 6 ? 4.274  -1.158  -1.729 1.00 11.69 ? 6    ALA B CB    1 
HETATM 216 N  N     A NCY B 2 7 ? 1.371  0.039   -2.387 0.56 11.18 ? 7    NCY B N     1 
HETATM 217 C  CA    A NCY B 2 7 ? -0.046 -0.095  -2.181 0.56 11.00 ? 7    NCY B CA    1 
HETATM 218 C  CB    A NCY B 2 7 ? -0.739 1.093   -2.706 0.56 13.91 ? 7    NCY B CB    1 
HETATM 219 S  SG    A NCY B 2 7 ? -0.817 2.538   -1.627 0.56 14.05 ? 7    NCY B SG    1 
HETATM 220 C  CN    A NCY B 2 7 ? 1.835  0.187   -3.817 0.56 12.94 ? 7    NCY B CN    1 
HETATM 221 C  C     A NCY B 2 7 ? -0.591 -1.327  -2.943 0.56 10.77 ? 7    NCY B C     1 
HETATM 222 O  O     A NCY B 2 7 ? -1.317 -1.158  -3.937 0.56 14.01 ? 7    NCY B O     1 
HETATM 223 N  N     B N2C B 2 7 ? 1.371  0.039   -2.387 0.44 11.18 ? 7    N2C B N     1 
HETATM 224 C  CA    B N2C B 2 7 ? -0.046 -0.095  -2.181 0.44 11.00 ? 7    N2C B CA    1 
HETATM 225 C  CB    B N2C B 2 7 ? -0.802 1.203   -2.597 0.44 13.55 ? 7    N2C B CB    1 
HETATM 226 S  SG    B N2C B 2 7 ? 0.270  2.645   -2.230 0.44 12.99 ? 7    N2C B SG    1 
HETATM 227 C  CN    B N2C B 2 7 ? 1.835  0.187   -3.817 0.44 12.94 ? 7    N2C B CN    1 
HETATM 228 C  C     B N2C B 2 7 ? -0.591 -1.327  -2.943 0.44 10.77 ? 7    N2C B C     1 
HETATM 229 O  O     B N2C B 2 7 ? -1.317 -1.158  -3.937 0.44 14.01 ? 7    N2C B O     1 
HETATM 230 N  N     . MVA B 2 8 ? -0.234 -2.535  -2.540 1.00 9.81  ? 8    MVA B N     1 
HETATM 231 C  CN    . MVA B 2 8 ? 0.611  -2.799  -1.380 1.00 10.25 ? 8    MVA B CN    1 
HETATM 232 C  CA    . MVA B 2 8 ? -0.707 -3.717  -3.303 1.00 10.62 ? 8    MVA B CA    1 
HETATM 233 C  CB    . MVA B 2 8 ? 0.433  -4.514  -3.936 1.00 12.23 ? 8    MVA B CB    1 
HETATM 234 C  CG1   . MVA B 2 8 ? -0.115 -5.518  -4.942 1.00 15.40 ? 8    MVA B CG1   1 
HETATM 235 C  CG2   . MVA B 2 8 ? 1.415  -3.619  -4.646 1.00 15.64 ? 8    MVA B CG2   1 
HETATM 236 C  C     . MVA B 2 8 ? -1.584 -4.584  -2.424 1.00 10.60 ? 8    MVA B C     1 
HETATM 237 O  O     . MVA B 2 8 ? -1.473 -5.783  -2.286 1.00 12.94 ? 8    MVA B O     1 
HETATM 238 CL CL    . CL  C 3 . ? 26.634 18.876  3.938  0.17 24.59 ? 20   CL  A CL    1 
HETATM 239 N  N1    . QUI D 4 . ? -0.014 -6.820  0.898  1.00 8.25  ? 0    QUI B N1    1 
HETATM 240 C  C2    . QUI D 4 . ? -0.915 -6.979  1.847  1.00 7.84  ? 0    QUI B C2    1 
HETATM 241 C  C3    . QUI D 4 . ? -0.729 -7.907  2.907  1.00 8.55  ? 0    QUI B C3    1 
HETATM 242 N  N4    . QUI D 4 . ? 0.351  -8.661  3.019  1.00 8.88  ? 0    QUI B N4    1 
HETATM 243 C  C5    . QUI D 4 . ? 2.439  -9.316  2.027  1.00 10.36 ? 0    QUI B C5    1 
HETATM 244 C  C6    . QUI D 4 . ? 3.395  -9.214  1.049  1.00 10.96 ? 0    QUI B C6    1 
HETATM 245 C  C7    . QUI D 4 . ? 3.208  -8.302  -0.010 1.00 10.00 ? 0    QUI B C7    1 
HETATM 246 C  C8    . QUI D 4 . ? 2.114  -7.487  -0.031 1.00 8.96  ? 0    QUI B C8    1 
HETATM 247 C  C9    . QUI D 4 . ? 1.096  -7.618  0.971  1.00 8.29  ? 0    QUI B C9    1 
HETATM 248 C  C10   . QUI D 4 . ? 1.275  -8.538  2.023  1.00 8.51  ? 0    QUI B C10   1 
HETATM 249 C  C     . QUI D 4 . ? -2.163 -6.201  1.755  1.00 7.86  ? 0    QUI B C     1 
HETATM 250 O  O1    . QUI D 4 . ? -3.123 -6.411  2.497  1.00 8.93  ? 0    QUI B O1    1 
HETATM 251 N  N1    . QUI E 4 . ? 4.890  0.799   4.578  1.00 11.42 ? 9    QUI B N1    1 
HETATM 252 C  C2    . QUI E 4 . ? 5.980  0.617   3.867  1.00 10.94 ? 9    QUI B C2    1 
HETATM 253 C  C3    . QUI E 4 . ? 7.058  -0.153  4.315  1.00 12.19 ? 9    QUI B C3    1 
HETATM 254 N  N4    . QUI E 4 . ? 7.028  -0.787  5.478  1.00 13.02 ? 9    QUI B N4    1 
HETATM 255 C  C5    . QUI E 4 . ? 5.801  -1.144  7.545  1.00 15.39 ? 9    QUI B C5    1 
HETATM 256 C  C6    . QUI E 4 . ? 4.727  -0.915  8.348  1.00 16.21 ? 9    QUI B C6    1 
HETATM 257 C  C7    . QUI E 4 . ? 3.640  -0.111  7.877  1.00 15.10 ? 9    QUI B C7    1 
HETATM 258 C  C8    . QUI E 4 . ? 3.705  0.403   6.631  1.00 12.79 ? 9    QUI B C8    1 
HETATM 259 C  C9    . QUI E 4 . ? 4.831  0.230   5.798  1.00 12.23 ? 9    QUI B C9    1 
HETATM 260 C  C10   . QUI E 4 . ? 5.913  -0.592  6.264  1.00 13.07 ? 9    QUI B C10   1 
HETATM 261 C  C     . QUI E 4 . ? 6.076  1.317   2.551  1.00 10.65 ? 9    QUI B C     1 
HETATM 262 O  O1    . QUI E 4 . ? 7.089  1.311   1.845  1.00 12.20 ? 9    QUI B O1    1 
HETATM 263 O  O     . HOH F 5 . ? 0.329  -9.219  -8.744 0.50 30.13 ? 2001 HOH A O     1 
HETATM 264 O  O     . HOH F 5 . ? -1.054 -8.302  -6.900 0.50 33.44 ? 2002 HOH A O     1 
HETATM 265 O  O     . HOH F 5 . ? 1.213  -12.242 -8.202 0.50 31.84 ? 2003 HOH A O     1 
HETATM 266 O  O     . HOH F 5 . ? 6.797  -10.152 -0.592 1.00 22.78 ? 2004 HOH A O     1 
HETATM 267 O  O     . HOH F 5 . ? 9.919  -7.399  0.465  1.00 38.47 ? 2005 HOH A O     1 
HETATM 268 O  O     . HOH F 5 . ? 8.129  -7.979  -1.416 1.00 28.73 ? 2006 HOH A O     1 
HETATM 269 O  O     . HOH F 5 . ? 12.054 -1.976  1.562  0.50 27.18 ? 2007 HOH A O     1 
HETATM 270 O  O     . HOH F 5 . ? 3.698  8.194   1.418  1.00 23.80 ? 2008 HOH A O     1 
HETATM 271 O  O     . HOH F 5 . ? 6.317  6.100   -5.643 1.00 31.40 ? 2009 HOH A O     1 
HETATM 272 O  O     . HOH F 5 . ? 5.012  11.739  4.475  1.00 25.18 ? 2010 HOH A O     1 
HETATM 273 O  O     . HOH F 5 . ? 13.437 8.622   -2.308 1.00 35.24 ? 2011 HOH A O     1 
HETATM 274 O  O     . HOH F 5 . ? 14.887 6.859   -2.143 0.50 27.32 ? 2012 HOH A O     1 
HETATM 275 O  O     . HOH F 5 . ? 13.449 6.423   -5.340 0.33 22.51 ? 2013 HOH A O     1 
HETATM 276 O  O     . HOH F 5 . ? 4.465  12.910  0.254  0.50 29.17 ? 2014 HOH A O     1 
HETATM 277 O  O     . HOH F 5 . ? 10.186 18.252  4.588  1.00 32.37 ? 2015 HOH A O     1 
HETATM 278 O  O     . HOH F 5 . ? 14.705 13.211  -0.815 1.00 34.22 ? 2016 HOH A O     1 
HETATM 279 O  O     . HOH F 5 . ? 12.408 12.959  -3.464 0.50 29.51 ? 2017 HOH A O     1 
HETATM 280 O  O     . HOH F 5 . ? 10.801 21.037  3.872  1.00 34.78 ? 2018 HOH A O     1 
HETATM 281 O  O     . HOH F 5 . ? 21.990 14.889  0.734  0.17 9.62  ? 2019 HOH A O     1 
HETATM 282 O  O     . HOH F 5 . ? 13.995 23.961  6.446  0.50 30.57 ? 2020 HOH A O     1 
HETATM 283 O  O     . HOH F 5 . ? 22.637 16.209  3.607  1.00 14.55 ? 2021 HOH A O     1 
HETATM 284 O  O     . HOH F 5 . ? 8.457  -11.881 -1.896 0.50 27.26 ? 2022 HOH A O     1 
HETATM 285 O  O     . HOH F 5 . ? 16.748 9.264   -0.962 0.50 26.30 ? 2023 HOH A O     1 
HETATM 286 O  O     . HOH F 5 . ? 18.274 11.207  -1.908 0.33 29.04 ? 2024 HOH A O     1 
HETATM 287 O  O     . HOH F 5 . ? 9.344  19.085  8.193  0.50 31.64 ? 2025 HOH A O     1 
HETATM 288 O  O     . HOH F 5 . ? 4.405  -13.477 -5.047 1.00 37.30 ? 2026 HOH A O     1 
HETATM 289 O  O     . HOH F 5 . ? 4.525  -12.198 -1.843 1.00 34.68 ? 2027 HOH A O     1 
HETATM 290 O  O     . HOH F 5 . ? 3.564  -4.512  -7.527 0.50 29.68 ? 2028 HOH A O     1 
HETATM 291 O  O     . HOH F 5 . ? 6.848  -8.108  -7.202 0.50 33.81 ? 2029 HOH A O     1 
HETATM 292 O  O     . HOH F 5 . ? 5.088  -1.593  -5.142 1.00 28.22 ? 2030 HOH A O     1 
HETATM 293 O  O     A HOH F 5 . ? 8.031  -4.911  5.677  0.39 13.98 ? 2031 HOH A O     1 
HETATM 294 O  O     . HOH F 5 . ? 9.610  -5.675  2.620  1.00 27.67 ? 2032 HOH A O     1 
HETATM 295 O  O     . HOH F 5 . ? 9.345  -4.996  -0.911 0.50 33.25 ? 2033 HOH A O     1 
HETATM 296 O  O     . HOH F 5 . ? 6.754  -5.044  -7.982 0.50 27.51 ? 2034 HOH A O     1 
HETATM 297 O  O     . HOH F 5 . ? 9.477  -7.408  -3.641 1.00 29.70 ? 2035 HOH A O     1 
HETATM 298 O  O     . HOH F 5 . ? 10.930 -5.286  -7.098 1.00 40.17 ? 2036 HOH A O     1 
HETATM 299 O  O     . HOH F 5 . ? 11.827 2.828   -5.596 1.00 33.77 ? 2037 HOH A O     1 
HETATM 300 O  O     . HOH F 5 . ? 7.343  3.820   -6.417 0.50 28.46 ? 2038 HOH A O     1 
HETATM 301 O  O     . HOH F 5 . ? 3.558  7.383   -1.070 1.00 33.48 ? 2039 HOH A O     1 
HETATM 302 O  O     . HOH F 5 . ? 5.538  1.381   -4.750 1.00 24.51 ? 2040 HOH A O     1 
HETATM 303 O  O     . HOH F 5 . ? 8.999  0.915   -6.833 0.50 20.62 ? 2041 HOH A O     1 
HETATM 304 O  O     . HOH F 5 . ? 12.667 1.228   -2.463 1.00 32.07 ? 2042 HOH A O     1 
HETATM 305 O  O     . HOH F 5 . ? 5.369  7.365   3.367  1.00 16.40 ? 2043 HOH A O     1 
HETATM 306 O  O     . HOH F 5 . ? 11.444 -0.218  3.764  1.00 34.70 ? 2044 HOH A O     1 
HETATM 307 O  O     . HOH F 5 . ? 11.452 4.995   -2.233 1.00 16.89 ? 2045 HOH A O     1 
HETATM 308 O  O     . HOH F 5 . ? 6.677  10.466  -5.542 0.50 24.12 ? 2046 HOH A O     1 
HETATM 309 O  O     . HOH F 5 . ? 6.516  9.466   4.847  1.00 16.11 ? 2047 HOH A O     1 
HETATM 310 O  O     . HOH F 5 . ? 3.868  9.312   -3.071 0.50 29.90 ? 2048 HOH A O     1 
HETATM 311 O  O     . HOH F 5 . ? 14.151 1.960   3.425  1.00 21.37 ? 2049 HOH A O     1 
HETATM 312 O  O     . HOH F 5 . ? 11.147 9.199   -1.068 1.00 20.72 ? 2050 HOH A O     1 
HETATM 313 O  O     . HOH F 5 . ? 11.428 9.487   -5.023 1.00 31.99 ? 2051 HOH A O     1 
HETATM 314 O  O     . HOH F 5 . ? 10.616 6.827   -4.115 1.00 25.84 ? 2052 HOH A O     1 
HETATM 315 O  O     . HOH F 5 . ? 14.241 4.228   0.250  1.00 25.14 ? 2053 HOH A O     1 
HETATM 316 O  O     . HOH F 5 . ? 11.537 12.021  -1.078 1.00 28.72 ? 2054 HOH A O     1 
HETATM 317 O  O     . HOH F 5 . ? 9.506  17.228  2.233  1.00 35.18 ? 2055 HOH A O     1 
HETATM 318 O  O     . HOH F 5 . ? 12.513 17.797  5.079  1.00 19.73 ? 2056 HOH A O     1 
HETATM 319 O  O     . HOH F 5 . ? 20.283 9.945   0.930  1.00 38.07 ? 2057 HOH A O     1 
HETATM 320 O  O     . HOH F 5 . ? 5.712  14.119  3.226  0.50 27.78 ? 2058 HOH A O     1 
HETATM 321 O  O     . HOH F 5 . ? 19.492 13.215  1.144  1.00 22.92 ? 2059 HOH A O     1 
HETATM 322 O  O     . HOH F 5 . ? 22.508 12.600  2.831  1.00 18.95 ? 2060 HOH A O     1 
HETATM 323 O  O     . HOH F 5 . ? 13.225 21.554  2.695  1.00 17.99 ? 2061 HOH A O     1 
HETATM 324 O  O     . HOH F 5 . ? 11.129 18.668  0.225  1.00 29.74 ? 2062 HOH A O     1 
HETATM 325 O  O     B HOH F 5 . ? 13.790 16.104  -1.229 0.61 21.44 ? 2063 HOH A O     1 
HETATM 326 O  O     . HOH F 5 . ? 17.363 16.713  -0.112 1.00 16.26 ? 2064 HOH A O     1 
HETATM 327 O  O     . HOH F 5 . ? 17.712 20.375  13.331 1.00 20.70 ? 2065 HOH A O     1 
HETATM 328 O  O     . HOH F 5 . ? 21.783 20.571  3.963  1.00 10.96 ? 2066 HOH A O     1 
HETATM 329 O  O     . HOH F 5 . ? 14.192 22.455  10.704 0.50 31.85 ? 2067 HOH A O     1 
HETATM 330 O  O     . HOH F 5 . ? 16.969 25.898  11.137 0.50 34.66 ? 2068 HOH A O     1 
HETATM 331 O  O     . HOH F 5 . ? 23.565 18.603  4.595  1.00 13.14 ? 2069 HOH A O     1 
HETATM 332 O  O     . HOH F 5 . ? 14.732 21.783  5.045  1.00 14.68 ? 2070 HOH A O     1 
HETATM 333 O  O     . HOH G 5 . ? -0.024 -10.278 5.258  1.00 11.95 ? 2001 HOH B O     1 
HETATM 334 O  O     . HOH G 5 . ? -5.407 -1.773  -2.082 1.00 20.06 ? 2002 HOH B O     1 
HETATM 335 O  O     . HOH G 5 . ? -6.261 -0.544  1.479  1.00 23.66 ? 2003 HOH B O     1 
HETATM 336 O  O     . HOH G 5 . ? -6.024 -0.575  4.219  1.00 19.04 ? 2004 HOH B O     1 
HETATM 337 O  O     . HOH G 5 . ? 0.157  5.945   -0.010 1.00 23.88 ? 2005 HOH B O     1 
HETATM 338 O  O     . HOH G 5 . ? 3.818  3.308   -3.878 1.00 22.48 ? 2006 HOH B O     1 
HETATM 339 O  O     . HOH G 5 . ? 2.226  5.286   -1.406 1.00 23.16 ? 2007 HOH B O     1 
HETATM 340 O  O     . HOH G 5 . ? 1.473  6.980   2.276  1.00 31.25 ? 2008 HOH B O     1 
HETATM 341 O  O     . HOH G 5 . ? -4.060 -1.294  -4.277 1.00 26.12 ? 2009 HOH B O     1 
HETATM 342 O  O     . HOH G 5 . ? 9.403  -2.373  5.733  1.00 26.05 ? 2010 HOH B O     1 
# 
loop_
_atom_site_anisotrop.id 
_atom_site_anisotrop.type_symbol 
_atom_site_anisotrop.pdbx_label_atom_id 
_atom_site_anisotrop.pdbx_label_alt_id 
_atom_site_anisotrop.pdbx_label_comp_id 
_atom_site_anisotrop.pdbx_label_asym_id 
_atom_site_anisotrop.pdbx_label_seq_id 
_atom_site_anisotrop.pdbx_PDB_ins_code 
_atom_site_anisotrop.U[1][1] 
_atom_site_anisotrop.U[2][2] 
_atom_site_anisotrop.U[3][3] 
_atom_site_anisotrop.U[1][2] 
_atom_site_anisotrop.U[1][3] 
_atom_site_anisotrop.U[2][3] 
_atom_site_anisotrop.pdbx_auth_seq_id 
_atom_site_anisotrop.pdbx_auth_comp_id 
_atom_site_anisotrop.pdbx_auth_asym_id 
_atom_site_anisotrop.pdbx_auth_atom_id 
1   O  "O5'" . DG  A 1 ? 0.4902 0.3331 0.2508 0.1783  0.1270  0.0965  1    DG  A "O5'" 
2   C  "C5'" . DG  A 1 ? 0.2138 0.1562 0.2883 -0.0388 0.0171  -0.0237 1    DG  A "C5'" 
3   C  "C4'" A DG  A 1 ? 0.1567 0.1455 0.1175 -0.0674 0.0225  -0.0144 1    DG  A "C4'" 
4   C  "C4'" B DG  A 1 ? 0.1532 0.1522 0.0964 -0.0594 0.0104  -0.0203 1    DG  A "C4'" 
5   O  "O4'" . DG  A 1 ? 0.1314 0.1827 0.1009 -0.0605 0.0001  -0.0248 1    DG  A "O4'" 
6   C  "C3'" A DG  A 1 ? 0.1136 0.1669 0.0936 -0.0491 -0.0108 0.0001  1    DG  A "C3'" 
7   C  "C3'" B DG  A 1 ? 0.1439 0.2293 0.1491 -0.0708 0.0368  -0.0899 1    DG  A "C3'" 
8   O  "O3'" A DG  A 1 ? 0.1843 0.1300 0.1304 -0.0607 0.0045  -0.0038 1    DG  A "O3'" 
9   O  "O3'" B DG  A 1 ? 0.1879 0.1777 0.1997 -0.0803 0.0733  -0.0421 1    DG  A "O3'" 
10  C  "C2'" A DG  A 1 ? 0.1624 0.1859 0.1362 -0.1019 0.0353  -0.0324 1    DG  A "C2'" 
11  C  "C2'" B DG  A 1 ? 0.1434 0.1049 0.1107 -0.0519 0.0042  0.0183  1    DG  A "C2'" 
12  C  "C1'" . DG  A 1 ? 0.1411 0.1270 0.1024 -0.0266 0.0017  0.0066  1    DG  A "C1'" 
13  N  N9    . DG  A 1 ? 0.1158 0.1193 0.0881 -0.0334 -0.0094 -0.0031 1    DG  A N9    
14  C  C8    . DG  A 1 ? 0.1291 0.0986 0.0864 -0.0310 -0.0086 -0.0142 1    DG  A C8    
15  N  N7    . DG  A 1 ? 0.1177 0.0885 0.0995 -0.0355 -0.0095 -0.0071 1    DG  A N7    
16  C  C5    . DG  A 1 ? 0.1141 0.1009 0.0826 -0.0284 -0.0089 -0.0130 1    DG  A C5    
17  C  C6    . DG  A 1 ? 0.1071 0.1058 0.0786 -0.0254 -0.0212 -0.0252 1    DG  A C6    
18  O  O6    . DG  A 1 ? 0.1233 0.1095 0.0811 -0.0197 -0.0103 -0.0051 1    DG  A O6    
19  N  N1    . DG  A 1 ? 0.1000 0.1077 0.0968 -0.0247 -0.0145 -0.0137 1    DG  A N1    
20  C  C2    . DG  A 1 ? 0.1246 0.1230 0.0976 -0.0194 -0.0028 -0.0138 1    DG  A C2    
21  N  N2    . DG  A 1 ? 0.1249 0.1645 0.1090 -0.0013 0.0015  -0.0146 1    DG  A N2    
22  N  N3    . DG  A 1 ? 0.0980 0.1409 0.0948 -0.0321 -0.0057 -0.0062 1    DG  A N3    
23  C  C4    . DG  A 1 ? 0.1067 0.1150 0.0885 -0.0389 -0.0141 -0.0140 1    DG  A C4    
24  P  P     A DC  A 2 ? 0.2273 0.1754 0.1072 -0.0804 0.0581  -0.0202 2    DC  A P     
25  P  P     B DC  A 2 ? 0.1868 0.2120 0.3332 -0.0826 0.0875  -0.0737 2    DC  A P     
26  O  OP1   A DC  A 2 ? 0.3300 0.2188 0.1481 -0.0405 0.0685  0.0350  2    DC  A OP1   
27  O  OP1   B DC  A 2 ? 0.4138 0.5079 0.4810 -0.3281 0.3522  -0.3240 2    DC  A OP1   
28  O  OP2   A DC  A 2 ? 0.2407 0.1757 0.1029 -0.0769 0.0741  -0.0049 2    DC  A OP2   
29  O  OP2   B DC  A 2 ? 0.1463 0.2697 1.1905 -0.0396 0.0281  0.2373  2    DC  A OP2   
30  O  "O5'" A DC  A 2 ? 0.2022 0.1957 0.1372 -0.1125 0.0820  -0.0478 2    DC  A "O5'" 
31  O  "O5'" B DC  A 2 ? 0.1968 0.2344 0.1898 -0.0858 0.0477  -0.0519 2    DC  A "O5'" 
32  C  "C5'" A DC  A 2 ? 0.1996 0.1747 0.1829 -0.1269 0.0874  -0.0431 2    DC  A "C5'" 
33  C  "C5'" B DC  A 2 ? 0.4015 0.5794 0.8002 -0.4018 0.4300  -0.5517 2    DC  A "C5'" 
34  C  "C4'" A DC  A 2 ? 0.1710 0.1572 0.1343 -0.0647 0.0301  -0.0188 2    DC  A "C4'" 
35  C  "C4'" B DC  A 2 ? 0.2334 0.2966 0.1643 -0.1722 0.0714  -0.0854 2    DC  A "C4'" 
36  O  "O4'" . DC  A 2 ? 0.1665 0.1770 0.1212 -0.0769 0.0172  -0.0068 2    DC  A "O4'" 
37  C  "C3'" . DC  A 2 ? 0.1699 0.1499 0.1547 -0.0696 0.0445  -0.0414 2    DC  A "C3'" 
38  O  "O3'" . DC  A 2 ? 0.2174 0.2180 0.1515 -0.1095 0.0677  -0.0521 2    DC  A "O3'" 
39  C  "C2'" . DC  A 2 ? 0.1619 0.1312 0.1283 -0.0571 0.0301  -0.0081 2    DC  A "C2'" 
40  C  "C1'" . DC  A 2 ? 0.1316 0.1244 0.1287 -0.0318 0.0206  -0.0034 2    DC  A "C1'" 
41  N  N1    . DC  A 2 ? 0.0987 0.1170 0.1244 -0.0385 0.0069  -0.0082 2    DC  A N1    
42  C  C2    . DC  A 2 ? 0.1007 0.1066 0.1116 -0.0335 -0.0078 -0.0170 2    DC  A C2    
43  O  O2    . DC  A 2 ? 0.1088 0.1149 0.1120 -0.0354 -0.0111 -0.0080 2    DC  A O2    
44  N  N3    . DC  A 2 ? 0.0949 0.1208 0.1117 -0.0219 -0.0051 -0.0106 2    DC  A N3    
45  C  C4    . DC  A 2 ? 0.1066 0.1232 0.1160 -0.0117 -0.0077 -0.0127 2    DC  A C4    
46  N  N4    . DC  A 2 ? 0.1029 0.1605 0.1224 0.0015  -0.0094 -0.0066 2    DC  A N4    
47  C  C5    . DC  A 2 ? 0.0988 0.1478 0.1474 -0.0042 0.0103  0.0002  2    DC  A C5    
48  C  C6    . DC  A 2 ? 0.1264 0.1169 0.1423 -0.0218 0.0113  -0.0170 2    DC  A C6    
49  P  P     . DG  A 3 ? 0.2182 0.2185 0.2187 -0.0974 0.1129  -0.0807 3    DG  A P     
50  O  OP1   . DG  A 3 ? 0.3356 0.2634 0.2364 -0.1374 0.1873  -0.0961 3    DG  A OP1   
51  O  OP2   . DG  A 3 ? 0.1872 0.2414 0.3390 -0.0720 0.0982  -0.0710 3    DG  A OP2   
52  O  "O5'" . DG  A 3 ? 0.2091 0.2196 0.1865 -0.0935 0.0689  -0.0756 3    DG  A "O5'" 
53  C  "C5'" . DG  A 3 ? 0.2330 0.2785 0.2542 -0.1492 0.1343  -0.1448 3    DG  A "C5'" 
54  C  "C4'" . DG  A 3 ? 0.1738 0.1996 0.1823 -0.0876 0.0616  -0.0657 3    DG  A "C4'" 
55  O  "O4'" . DG  A 3 ? 0.1558 0.2093 0.1686 -0.0922 0.0454  -0.0753 3    DG  A "O4'" 
56  C  "C3'" . DG  A 3 ? 0.1480 0.1991 0.2010 -0.0807 0.0556  -0.0800 3    DG  A "C3'" 
57  O  "O3'" . DG  A 3 ? 0.2069 0.1925 0.1904 -0.0911 0.0673  -0.0515 3    DG  A "O3'" 
58  C  "C2'" . DG  A 3 ? 0.1530 0.2024 0.2102 -0.0847 0.0191  -0.0562 3    DG  A "C2'" 
59  C  "C1'" . DG  A 3 ? 0.1294 0.1861 0.1713 -0.0624 0.0415  -0.0692 3    DG  A "C1'" 
60  N  N9    . DG  A 3 ? 0.1222 0.1782 0.1745 -0.0561 0.0171  -0.0657 3    DG  A N9    
61  C  C8    . DG  A 3 ? 0.1361 0.1674 0.2515 -0.0383 0.0260  -0.0617 3    DG  A C8    
62  N  N7    . DG  A 3 ? 0.1236 0.1667 0.2699 -0.0307 0.0002  -0.0325 3    DG  A N7    
63  C  C5    . DG  A 3 ? 0.1274 0.1471 0.1942 -0.0300 0.0000  -0.0320 3    DG  A C5    
64  C  C6    . DG  A 3 ? 0.1416 0.1132 0.1734 -0.0295 -0.0047 -0.0344 3    DG  A C6    
65  O  O6    . DG  A 3 ? 0.1531 0.1587 0.2339 -0.0484 -0.0343 0.0195  3    DG  A O6    
66  N  N1    . DG  A 3 ? 0.1220 0.1198 0.1597 -0.0491 -0.0040 -0.0194 3    DG  A N1    
67  C  C2    . DG  A 3 ? 0.1204 0.1218 0.1313 -0.0514 0.0009  -0.0333 3    DG  A C2    
68  N  N2    . DG  A 3 ? 0.1239 0.1163 0.1194 -0.0487 0.0023  -0.0212 3    DG  A N2    
69  N  N3    . DG  A 3 ? 0.1231 0.1327 0.1414 -0.0473 0.0069  -0.0369 3    DG  A N3    
70  C  C4    . DG  A 3 ? 0.1131 0.1454 0.1546 -0.0526 -0.0012 -0.0464 3    DG  A C4    
71  P  P     . DT  A 4 ? 0.2643 0.2354 0.1807 -0.1273 0.0728  -0.0591 4    DT  A P     
72  O  OP1   . DT  A 4 ? 0.3731 0.2896 0.1688 -0.1603 0.0604  -0.0648 4    DT  A OP1   
73  O  OP2   . DT  A 4 ? 0.2637 0.2571 0.2642 -0.1352 0.1300  -0.0792 4    DT  A OP2   
74  O  "O5'" . DT  A 4 ? 0.2296 0.2019 0.1845 -0.1276 0.0184  -0.0318 4    DT  A "O5'" 
75  C  "C5'" . DT  A 4 ? 0.2320 0.2020 0.1584 -0.1281 -0.0041 -0.0057 4    DT  A "C5'" 
76  C  "C4'" . DT  A 4 ? 0.1764 0.1999 0.1336 -0.1113 -0.0273 0.0160  4    DT  A "C4'" 
77  O  "O4'" . DT  A 4 ? 0.1777 0.2148 0.1287 -0.1255 -0.0217 0.0175  4    DT  A "O4'" 
78  C  "C3'" . DT  A 4 ? 0.1883 0.1767 0.1152 -0.0890 -0.0202 0.0041  4    DT  A "C3'" 
79  O  "O3'" . DT  A 4 ? 0.2117 0.1949 0.1622 -0.0704 -0.0746 0.0084  4    DT  A "O3'" 
80  C  "C2'" . DT  A 4 ? 0.1583 0.1560 0.1194 -0.0888 -0.0133 0.0043  4    DT  A "C2'" 
81  C  "C1'" . DT  A 4 ? 0.1621 0.1528 0.1192 -0.0881 -0.0123 0.0036  4    DT  A "C1'" 
82  N  N1    . DT  A 4 ? 0.1339 0.1454 0.1161 -0.0676 0.0034  -0.0099 4    DT  A N1    
83  C  C2    . DT  A 4 ? 0.1307 0.1399 0.1112 -0.0651 -0.0011 -0.0100 4    DT  A C2    
84  O  O2    . DT  A 4 ? 0.1579 0.1430 0.1244 -0.0482 0.0106  -0.0087 4    DT  A O2    
85  N  N3    . DT  A 4 ? 0.1326 0.1329 0.1062 -0.0563 0.0013  -0.0233 4    DT  A N3    
86  C  C4    . DT  A 4 ? 0.1129 0.1516 0.1304 -0.0588 -0.0101 -0.0309 4    DT  A C4    
87  O  O4    . DT  A 4 ? 0.1470 0.1408 0.1571 -0.0578 -0.0155 -0.0113 4    DT  A O4    
88  C  C5    . DT  A 4 ? 0.1177 0.1519 0.1249 -0.0627 -0.0057 -0.0485 4    DT  A C5    
89  C  C7    . DT  A 4 ? 0.1155 0.2108 0.1709 -0.0637 0.0052  -0.0707 4    DT  A C7    
90  C  C6    . DT  A 4 ? 0.1250 0.1774 0.1136 -0.0774 -0.0042 -0.0353 4    DT  A C6    
91  P  P     . DA  A 5 ? 0.2599 0.1878 0.1662 -0.0655 -0.0518 0.0226  5    DA  A P     
92  O  OP1   . DA  A 5 ? 0.4745 0.2342 0.2378 0.0220  -0.1961 0.0133  5    DA  A OP1   
93  O  OP2   . DA  A 5 ? 0.4816 0.1990 0.2058 -0.0837 0.1340  0.0251  5    DA  A OP2   
94  O  "O5'" . DA  A 5 ? 0.1855 0.1726 0.1592 -0.0614 -0.0323 0.0113  5    DA  A "O5'" 
95  C  "C5'" . DA  A 5 ? 0.1646 0.1672 0.1740 -0.0604 -0.0385 0.0176  5    DA  A "C5'" 
96  C  "C4'" . DA  A 5 ? 0.1913 0.1545 0.1568 -0.0779 -0.0473 0.0322  5    DA  A "C4'" 
97  O  "O4'" . DA  A 5 ? 0.1463 0.1528 0.1687 -0.0627 -0.0319 0.0181  5    DA  A "O4'" 
98  C  "C3'" . DA  A 5 ? 0.1950 0.1634 0.1679 -0.0825 -0.0580 0.0274  5    DA  A "C3'" 
99  O  "O3'" . DA  A 5 ? 0.2316 0.1615 0.1951 -0.0849 -0.0897 0.0345  5    DA  A "O3'" 
100 C  "C2'" . DA  A 5 ? 0.1790 0.1649 0.1592 -0.0823 -0.0335 0.0302  5    DA  A "C2'" 
101 C  "C1'" . DA  A 5 ? 0.1466 0.1710 0.1646 -0.0781 -0.0340 0.0354  5    DA  A "C1'" 
102 N  N9    . DA  A 5 ? 0.1399 0.1576 0.1238 -0.0737 -0.0183 0.0081  5    DA  A N9    
103 C  C8    . DA  A 5 ? 0.1449 0.1453 0.1317 -0.0549 0.0029  0.0062  5    DA  A C8    
104 N  N7    . DA  A 5 ? 0.1315 0.1498 0.1018 -0.0614 -0.0100 -0.0094 5    DA  A N7    
105 C  C5    . DA  A 5 ? 0.1403 0.1641 0.1051 -0.0714 0.0025  -0.0085 5    DA  A C5    
106 C  C6    . DA  A 5 ? 0.1377 0.1739 0.1272 -0.0792 -0.0030 -0.0315 5    DA  A C6    
107 N  N6    . DA  A 5 ? 0.1520 0.1545 0.1518 -0.0724 -0.0113 -0.0426 5    DA  A N6    
108 N  N1    . DA  A 5 ? 0.1538 0.1977 0.1309 -0.0833 0.0154  -0.0468 5    DA  A N1    
109 C  C2    . DA  A 5 ? 0.1649 0.2163 0.1258 -0.1125 0.0068  -0.0223 5    DA  A C2    
110 N  N3    . DA  A 5 ? 0.1580 0.1993 0.1181 -0.1023 -0.0092 0.0123  5    DA  A N3    
111 C  C4    . DA  A 5 ? 0.1352 0.1717 0.1138 -0.0916 -0.0128 0.0024  5    DA  A C4    
112 P  P     . DC  A 6 ? 0.2794 0.1749 0.2273 -0.1215 -0.1252 0.0484  6    DC  A P     
113 O  OP1   . DC  A 6 ? 0.2977 0.1639 0.4971 -0.0988 -0.1337 0.0532  6    DC  A OP1   
114 O  OP2   . DC  A 6 ? 0.3445 0.3220 0.2091 -0.2134 -0.1224 0.0931  6    DC  A OP2   
115 O  "O5'" . DC  A 6 ? 0.2675 0.1768 0.2139 -0.1204 -0.1135 0.0520  6    DC  A "O5'" 
116 C  "C5'" . DC  A 6 ? 0.2865 0.1886 0.2261 -0.1499 -0.1510 0.0769  6    DC  A "C5'" 
117 C  "C4'" . DC  A 6 ? 0.2625 0.1624 0.1530 -0.1165 -0.0949 0.0375  6    DC  A "C4'" 
118 O  "O4'" . DC  A 6 ? 0.2825 0.1729 0.1923 -0.1316 -0.1256 0.0669  6    DC  A "O4'" 
119 C  "C3'" . DC  A 6 ? 0.2399 0.1329 0.1780 -0.0897 -0.0959 0.0347  6    DC  A "C3'" 
120 O  "O3'" . DC  A 6 ? 0.2078 0.1468 0.1485 -0.0748 -0.0188 0.0085  6    DC  A "O3'" 
121 C  "C2'" . DC  A 6 ? 0.2866 0.1798 0.1788 -0.1340 -0.1270 0.0693  6    DC  A "C2'" 
122 C  "C1'" . DC  A 6 ? 0.2893 0.1205 0.1479 -0.1137 -0.1080 0.0175  6    DC  A "C1'" 
123 N  N1    . DC  A 6 ? 0.2200 0.1601 0.1245 -0.1269 -0.0464 0.0130  6    DC  A N1    
124 C  C2    . DC  A 6 ? 0.1803 0.1286 0.1367 -0.0924 -0.0300 0.0032  6    DC  A C2    
125 O  O2    . DC  A 6 ? 0.1742 0.1242 0.1197 -0.0584 -0.0379 0.0075  6    DC  A O2    
126 N  N3    . DC  A 6 ? 0.1466 0.1695 0.1307 -0.0871 -0.0175 -0.0240 6    DC  A N3    
127 C  C4    . DC  A 6 ? 0.1749 0.2451 0.1369 -0.0990 -0.0057 -0.0382 6    DC  A C4    
128 N  N4    . DC  A 6 ? 0.2088 0.2411 0.1718 -0.0917 0.0292  -0.0690 6    DC  A N4    
129 C  C5    . DC  A 6 ? 0.1843 0.3302 0.1194 -0.1141 -0.0195 -0.0187 6    DC  A C5    
130 C  C6    . DC  A 6 ? 0.2662 0.2104 0.1352 -0.1590 -0.0247 0.0058  6    DC  A C6    
131 P  P     . DG  A 7 ? 0.1532 0.1071 0.1676 -0.0366 -0.0228 0.0013  7    DG  A P     
132 O  OP1   . DG  A 7 ? 0.1358 0.1489 0.1927 -0.0293 -0.0244 0.0260  7    DG  A OP1   
133 O  OP2   . DG  A 7 ? 0.2258 0.1327 0.1482 -0.0208 0.0133  -0.0033 7    DG  A OP2   
134 O  "O5'" . DG  A 7 ? 0.1223 0.1295 0.1473 -0.0294 -0.0186 -0.0014 7    DG  A "O5'" 
135 C  "C5'" . DG  A 7 ? 0.1286 0.0880 0.1596 -0.0291 -0.0240 0.0178  7    DG  A "C5'" 
136 C  "C4'" . DG  A 7 ? 0.1210 0.0881 0.1381 -0.0289 -0.0119 -0.0089 7    DG  A "C4'" 
137 O  "O4'" . DG  A 7 ? 0.1360 0.0886 0.1284 -0.0289 -0.0277 0.0121  7    DG  A "O4'" 
138 C  "C3'" . DG  A 7 ? 0.1298 0.0995 0.1078 -0.0352 -0.0196 -0.0004 7    DG  A "C3'" 
139 O  "O3'" . DG  A 7 ? 0.1518 0.0856 0.1356 -0.0361 -0.0226 -0.0073 7    DG  A "O3'" 
140 C  "C2'" . DG  A 7 ? 0.1246 0.0912 0.1401 -0.0267 -0.0076 -0.0038 7    DG  A "C2'" 
141 C  "C1'" . DG  A 7 ? 0.1303 0.0909 0.1158 -0.0295 -0.0043 0.0006  7    DG  A "C1'" 
142 N  N9    . DG  A 7 ? 0.1455 0.0980 0.1003 -0.0245 -0.0269 -0.0045 7    DG  A N9    
143 C  C8    . DG  A 7 ? 0.1771 0.1109 0.1059 -0.0090 -0.0080 -0.0016 7    DG  A C8    
144 N  N7    . DG  A 7 ? 0.2263 0.1107 0.1057 -0.0026 -0.0055 -0.0037 7    DG  A N7    
145 C  C5    . DG  A 7 ? 0.1692 0.1036 0.0947 -0.0148 -0.0212 -0.0090 7    DG  A C5    
146 C  C6    . DG  A 7 ? 0.1688 0.0927 0.1058 -0.0257 -0.0306 -0.0175 7    DG  A C6    
147 O  O6    . DG  A 7 ? 0.2111 0.1053 0.1060 -0.0057 -0.0273 -0.0231 7    DG  A O6    
148 N  N1    . DG  A 7 ? 0.1396 0.0955 0.1049 -0.0251 -0.0337 -0.0067 7    DG  A N1    
149 C  C2    . DG  A 7 ? 0.1114 0.0954 0.1146 -0.0357 -0.0304 -0.0023 7    DG  A C2    
150 N  N2    . DG  A 7 ? 0.1192 0.0969 0.1209 -0.0329 -0.0209 0.0004  7    DG  A N2    
151 N  N3    . DG  A 7 ? 0.1041 0.0924 0.1076 -0.0415 -0.0316 -0.0068 7    DG  A N3    
152 C  C4    . DG  A 7 ? 0.1136 0.0910 0.1087 -0.0324 -0.0258 -0.0050 7    DG  A C4    
153 P  P     . DC  A 8 ? 0.1178 0.0999 0.1495 -0.0261 -0.0014 -0.0148 8    DC  A P     
154 O  OP1   . DC  A 8 ? 0.1200 0.1004 0.1947 -0.0155 -0.0091 0.0100  8    DC  A OP1   
155 O  OP2   . DC  A 8 ? 0.1186 0.1006 0.1562 -0.0225 0.0031  -0.0112 8    DC  A OP2   
156 O  "O5'" . DC  A 8 ? 0.1176 0.1192 0.1611 -0.0293 0.0129  -0.0227 8    DC  A "O5'" 
157 C  "C5'" . DC  A 8 ? 0.0960 0.1398 0.1764 -0.0031 0.0177  -0.0285 8    DC  A "C5'" 
158 C  "C4'" . DC  A 8 ? 0.1212 0.1024 0.1854 -0.0246 0.0193  -0.0152 8    DC  A "C4'" 
159 O  "O4'" . DC  A 8 ? 0.1058 0.1030 0.1843 -0.0219 0.0102  -0.0097 8    DC  A "O4'" 
160 C  "C3'" . DC  A 8 ? 0.1212 0.1137 0.1946 -0.0338 0.0375  -0.0389 8    DC  A "C3'" 
161 O  "O3'" . DC  A 8 ? 0.1558 0.1517 0.2067 -0.0347 0.0473  -0.0488 8    DC  A "O3'" 
162 C  "C2'" . DC  A 8 ? 0.1296 0.1024 0.1452 -0.0337 0.0133  -0.0165 8    DC  A "C2'" 
163 C  "C1'" . DC  A 8 ? 0.1161 0.1112 0.1406 -0.0328 0.0238  -0.0221 8    DC  A "C1'" 
164 N  N1    . DC  A 8 ? 0.1004 0.1033 0.1202 -0.0341 0.0065  -0.0138 8    DC  A N1    
165 C  C2    . DC  A 8 ? 0.1029 0.1144 0.1013 -0.0289 -0.0015 -0.0167 8    DC  A C2    
166 O  O2    . DC  A 8 ? 0.1233 0.1132 0.1084 -0.0382 0.0077  -0.0142 8    DC  A O2    
167 N  N3    . DC  A 8 ? 0.0975 0.1075 0.0979 -0.0435 0.0003  -0.0137 8    DC  A N3    
168 C  C4    . DC  A 8 ? 0.1007 0.1064 0.0961 -0.0356 -0.0087 -0.0102 8    DC  A C4    
169 N  N4    . DC  A 8 ? 0.1208 0.1275 0.0927 -0.0062 -0.0035 0.0016  8    DC  A N4    
170 C  C5    . DC  A 8 ? 0.1071 0.1069 0.1007 -0.0255 -0.0101 -0.0132 8    DC  A C5    
171 C  C6    . DC  A 8 ? 0.1077 0.1025 0.1175 -0.0344 0.0015  -0.0183 8    DC  A C6    
172 N  N     . DSN B 1 ? 0.0981 0.1039 0.1179 -0.0354 -0.0108 -0.0016 1    DSN B N     
173 C  CA    . DSN B 1 ? 0.1004 0.0996 0.1214 -0.0413 -0.0175 0.0066  1    DSN B CA    
174 C  C     . DSN B 1 ? 0.1091 0.1097 0.1377 -0.0277 -0.0097 -0.0014 1    DSN B C     
175 O  O     . DSN B 1 ? 0.1381 0.1124 0.1709 -0.0181 -0.0373 0.0059  1    DSN B O     
176 C  CB    . DSN B 1 ? 0.1113 0.1359 0.1285 -0.0382 -0.0293 -0.0033 1    DSN B CB    
177 O  OG    . DSN B 1 ? 0.1348 0.1084 0.1278 -0.0381 -0.0065 0.0002  1    DSN B OG    
178 N  N     . ALA B 2 ? 0.1062 0.1011 0.1312 -0.0278 -0.0100 -0.0033 2    ALA B N     
179 C  CA    . ALA B 2 ? 0.1103 0.1066 0.1419 -0.0259 0.0014  -0.0083 2    ALA B CA    
180 C  C     . ALA B 2 ? 0.1217 0.1055 0.1365 -0.0277 -0.0025 -0.0179 2    ALA B C     
181 O  O     . ALA B 2 ? 0.1241 0.1123 0.1444 -0.0473 0.0126  -0.0215 2    ALA B O     
182 C  CB    . ALA B 2 ? 0.1417 0.1183 0.1369 -0.0279 0.0009  -0.0241 2    ALA B CB    
183 N  N     A N2C B 3 ? 0.1399 0.1008 0.1579 -0.0364 0.0137  -0.0150 3    N2C B N     
184 C  CA    A N2C B 3 ? 0.1515 0.1181 0.1738 -0.0453 -0.0093 -0.0002 3    N2C B CA    
185 C  CB    A N2C B 3 ? 0.2321 0.1682 0.1589 -0.0609 -0.0260 0.0104  3    N2C B CB    
186 S  SG    A N2C B 3 ? 0.2023 0.1572 0.1900 -0.0430 -0.0375 0.0146  3    N2C B SG    
187 C  CN    A N2C B 3 ? 0.1133 0.1122 0.2251 -0.0234 -0.0093 -0.0379 3    N2C B CN    
188 C  C     A N2C B 3 ? 0.1516 0.1136 0.1769 -0.0468 0.0013  -0.0002 3    N2C B C     
189 O  O     A N2C B 3 ? 0.1997 0.1133 0.2357 -0.0356 -0.0353 -0.0066 3    N2C B O     
190 N  N     B NCY B 3 ? 0.1399 0.1008 0.1579 -0.0364 0.0137  -0.0150 3    NCY B N     
191 C  CA    B NCY B 3 ? 0.1515 0.1181 0.1738 -0.0453 -0.0093 -0.0002 3    NCY B CA    
192 C  CB    B NCY B 3 ? 0.1720 0.1013 0.2020 -0.0532 -0.0256 0.0154  3    NCY B CB    
193 S  SG    B NCY B 3 ? 0.1546 0.1333 0.1766 -0.0230 -0.0196 0.0195  3    NCY B SG    
194 C  CN    B NCY B 3 ? 0.1133 0.1122 0.2251 -0.0234 -0.0093 -0.0379 3    NCY B CN    
195 C  C     B NCY B 3 ? 0.1516 0.1136 0.1769 -0.0468 0.0013  -0.0002 3    NCY B C     
196 O  O     B NCY B 3 ? 0.1997 0.1133 0.2357 -0.0356 -0.0353 -0.0066 3    NCY B O     
197 N  N     . MVA B 4 ? 0.1297 0.1195 0.1691 -0.0409 0.0040  -0.0238 4    MVA B N     
198 C  CN    . MVA B 4 ? 0.1216 0.1200 0.1962 -0.0320 0.0039  -0.0245 4    MVA B CN    
199 C  CA    . MVA B 4 ? 0.1546 0.1252 0.1979 -0.0552 0.0316  -0.0444 4    MVA B CA    
200 C  CB    . MVA B 4 ? 0.1671 0.1623 0.1743 -0.0421 0.0019  -0.0399 4    MVA B CB    
201 C  CG1   . MVA B 4 ? 0.1809 0.1791 0.2439 -0.0259 -0.0137 -0.0821 4    MVA B CG1   
202 C  CG2   . MVA B 4 ? 0.1901 0.1682 0.1819 -0.0539 0.0413  -0.0452 4    MVA B CG2   
203 C  C     . MVA B 4 ? 0.1543 0.1463 0.1677 -0.0697 0.0084  -0.0423 4    MVA B C     
204 O  O     . MVA B 4 ? 0.1667 0.2130 0.1613 -0.0515 0.0170  -0.0456 4    MVA B O     
205 N  N     . DSN B 5 ? 0.1215 0.1139 0.1703 -0.0593 0.0108  -0.0257 5    DSN B N     
206 C  CA    . DSN B 5 ? 0.1263 0.1337 0.1690 -0.0613 0.0217  -0.0149 5    DSN B CA    
207 C  C     . DSN B 5 ? 0.1503 0.1252 0.1618 -0.0768 0.0288  -0.0064 5    DSN B C     
208 O  O     . DSN B 5 ? 0.1756 0.1279 0.1671 -0.0663 0.0097  -0.0062 5    DSN B O     
209 C  CB    . DSN B 5 ? 0.1412 0.1120 0.1896 -0.0589 0.0074  -0.0130 5    DSN B CB    
210 O  OG    . DSN B 5 ? 0.1429 0.1293 0.1608 -0.0522 0.0135  -0.0100 5    DSN B OG    
211 N  N     . ALA B 6 ? 0.1495 0.1308 0.1536 -0.0558 -0.0010 -0.0105 6    ALA B N     
212 C  CA    . ALA B 6 ? 0.1447 0.1427 0.1306 -0.0609 0.0156  -0.0094 6    ALA B CA    
213 C  C     . ALA B 6 ? 0.1383 0.1394 0.1256 -0.0596 0.0111  0.0080  6    ALA B C     
214 O  O     . ALA B 6 ? 0.1356 0.1366 0.1328 -0.0603 0.0061  -0.0040 6    ALA B O     
215 C  CB    . ALA B 6 ? 0.1475 0.1561 0.1407 -0.0541 0.0268  -0.0297 6    ALA B CB    
216 N  N     A NCY B 7 ? 0.1563 0.1427 0.1259 -0.0647 0.0071  0.0013  7    NCY B N     
217 C  CA    A NCY B 7 ? 0.1472 0.1215 0.1494 -0.0482 -0.0159 0.0065  7    NCY B CA    
218 C  CB    A NCY B 7 ? 0.2202 0.1405 0.1679 -0.0194 -0.0461 0.0001  7    NCY B CB    
219 S  SG    A NCY B 7 ? 0.2259 0.1254 0.1827 -0.0391 -0.0156 0.0131  7    NCY B SG    
220 C  CN    A NCY B 7 ? 0.2110 0.1548 0.1260 -0.0568 0.0085  0.0257  7    NCY B CN    
221 C  C     A NCY B 7 ? 0.1535 0.1312 0.1246 -0.0510 -0.0297 0.0152  7    NCY B C     
222 O  O     A NCY B 7 ? 0.2095 0.1525 0.1702 -0.0448 -0.0715 0.0210  7    NCY B O     
223 N  N     B N2C B 7 ? 0.1563 0.1427 0.1259 -0.0647 0.0071  0.0013  7    N2C B N     
224 C  CA    B N2C B 7 ? 0.1472 0.1215 0.1494 -0.0482 -0.0159 0.0065  7    N2C B CA    
225 C  CB    B N2C B 7 ? 0.1858 0.1183 0.2105 -0.0497 0.0202  0.0517  7    N2C B CB    
226 S  SG    B N2C B 7 ? 0.1840 0.1163 0.1932 -0.0307 -0.0115 0.0198  7    N2C B SG    
227 C  CN    B N2C B 7 ? 0.2110 0.1548 0.1260 -0.0568 0.0085  0.0257  7    N2C B CN    
228 C  C     B N2C B 7 ? 0.1535 0.1312 0.1246 -0.0510 -0.0297 0.0152  7    N2C B C     
229 O  O     B N2C B 7 ? 0.2095 0.1525 0.1702 -0.0448 -0.0715 0.0210  7    N2C B O     
230 N  N     . MVA B 8 ? 0.1379 0.1231 0.1117 -0.0446 -0.0129 0.0054  8    MVA B N     
231 C  CN    . MVA B 8 ? 0.1477 0.1246 0.1174 -0.0365 -0.0161 0.0106  8    MVA B CN    
232 C  CA    . MVA B 8 ? 0.1282 0.1366 0.1389 -0.0536 -0.0165 -0.0034 8    MVA B CA    
233 C  CB    . MVA B 8 ? 0.1856 0.1292 0.1500 -0.0467 0.0122  -0.0174 8    MVA B CB    
234 C  CG1   . MVA B 8 ? 0.2792 0.1633 0.1427 -0.0303 -0.0350 -0.0259 8    MVA B CG1   
235 C  CG2   . MVA B 8 ? 0.2504 0.1843 0.1592 -0.0577 0.0735  -0.0142 8    MVA B CG2   
236 C  C     . MVA B 8 ? 0.1465 0.1176 0.1387 -0.0402 -0.0080 -0.0072 8    MVA B C     
237 O  O     . MVA B 8 ? 0.1609 0.1240 0.2066 -0.0224 0.0395  0.0041  8    MVA B O     
238 CL CL    . CL  C . ? 0.3604 0.3798 0.1942 -0.0710 0.1996  -0.0068 20   CL  A CL    
239 N  N1    . QUI D . ? 0.1078 0.1036 0.1020 -0.0360 -0.0110 -0.0063 0    QUI B N1    
240 C  C2    . QUI D . ? 0.1050 0.0931 0.0998 -0.0385 -0.0138 -0.0179 0    QUI B C2    
241 C  C3    . QUI D . ? 0.1122 0.1230 0.0897 -0.0398 -0.0262 -0.0105 0    QUI B C3    
242 N  N4    . QUI D . ? 0.1169 0.1269 0.0934 -0.0296 -0.0245 -0.0071 0    QUI B N4    
243 C  C5    . QUI D . ? 0.1201 0.1533 0.1203 -0.0088 -0.0261 0.0014  0    QUI B C5    
244 C  C6    . QUI D . ? 0.1233 0.1502 0.1426 -0.0199 -0.0149 -0.0182 0    QUI B C6    
245 C  C7    . QUI D . ? 0.1206 0.1312 0.1283 -0.0374 -0.0007 -0.0307 0    QUI B C7    
246 C  C8    . QUI D . ? 0.1167 0.1094 0.1143 -0.0473 -0.0070 -0.0195 0    QUI B C8    
247 C  C9    . QUI D . ? 0.1135 0.1052 0.0964 -0.0296 -0.0180 -0.0137 0    QUI B C9    
248 C  C10   . QUI D . ? 0.1096 0.1157 0.0982 -0.0342 -0.0273 -0.0064 0    QUI B C10   
249 C  C     . QUI D . ? 0.0986 0.0972 0.1027 -0.0396 -0.0116 -0.0078 0    QUI B C     
250 O  O1    . QUI D . ? 0.1091 0.1166 0.1134 -0.0363 -0.0063 -0.0006 0    QUI B O1    
251 N  N1    . QUI E . ? 0.1422 0.1299 0.1618 -0.0613 0.0003  -0.0449 9    QUI B N1    
252 C  C2    . QUI E . ? 0.1347 0.1340 0.1472 -0.0550 -0.0179 -0.0634 9    QUI B C2    
253 C  C3    . QUI E . ? 0.1441 0.1289 0.1902 -0.0547 -0.0225 -0.0411 9    QUI B C3    
254 N  N4    . QUI E . ? 0.1624 0.1368 0.1956 -0.0578 -0.0447 -0.0339 9    QUI B N4    
255 C  C5    . QUI E . ? 0.2136 0.1952 0.1758 -0.1069 -0.0608 -0.0117 9    QUI B C5    
256 C  C6    . QUI E . ? 0.2221 0.2454 0.1484 -0.1277 -0.0562 -0.0142 9    QUI B C6    
257 C  C7    . QUI E . ? 0.1926 0.2245 0.1565 -0.1364 -0.0321 -0.0236 9    QUI B C7    
258 C  C8    . QUI E . ? 0.1656 0.1732 0.1469 -0.0941 -0.0116 -0.0404 9    QUI B C8    
259 C  C9    . QUI E . ? 0.1559 0.1378 0.1709 -0.0783 -0.0148 -0.0364 9    QUI B C9    
260 C  C10   . QUI E . ? 0.1724 0.1493 0.1749 -0.0824 -0.0372 -0.0288 9    QUI B C10   
261 C  C     . QUI E . ? 0.1227 0.1200 0.1620 -0.0489 0.0075  -0.0511 9    QUI B C     
262 O  O1    . QUI E . ? 0.1314 0.1506 0.1813 -0.0609 0.0210  -0.0694 9    QUI B O1    
263 O  O     . HOH F . ? 0.3786 0.3552 0.4111 -0.2188 0.0652  -0.0453 2001 HOH A O     
264 O  O     . HOH F . ? 0.4822 0.3470 0.4414 0.0132  0.0161  -0.0345 2002 HOH A O     
265 O  O     . HOH F . ? 0.3022 0.5098 0.3979 -0.0229 0.0053  -0.1842 2003 HOH A O     
266 O  O     . HOH F . ? 0.3172 0.3445 0.2040 -0.0109 0.0166  -0.0535 2004 HOH A O     
267 O  O     . HOH F . ? 0.3228 0.6684 0.4705 -0.0237 0.0517  -0.1326 2005 HOH A O     
268 O  O     . HOH F . ? 0.2698 0.4100 0.4117 0.0400  0.1126  0.0247  2006 HOH A O     
269 O  O     . HOH F . ? 0.1611 0.4275 0.4441 0.0001  0.0433  0.0612  2007 HOH A O     
270 O  O     . HOH F . ? 0.2289 0.2815 0.3940 -0.0421 -0.0757 0.0393  2008 HOH A O     
271 O  O     . HOH F . ? 0.5539 0.4233 0.2156 -0.1005 -0.0312 0.0208  2009 HOH A O     
272 O  O     . HOH F . ? 0.2777 0.2683 0.4107 -0.0015 0.0221  -0.0528 2010 HOH A O     
273 O  O     . HOH F . ? 0.4782 0.5135 0.3476 -0.1104 0.1931  0.0521  2011 HOH A O     
274 O  O     . HOH F . ? 0.3121 0.3202 0.4059 -0.0162 0.0807  0.0723  2012 HOH A O     
275 O  O     . HOH F . ? 0.2905 0.2900 0.2746 0.0319  0.0229  0.0227  2013 HOH A O     
276 O  O     . HOH F . ? 0.3958 0.2464 0.4662 0.0127  0.0274  0.0397  2014 HOH A O     
277 O  O     . HOH F . ? 0.3659 0.3693 0.4948 -0.0777 -0.0100 -0.1018 2015 HOH A O     
278 O  O     . HOH F . ? 0.4800 0.4745 0.3459 0.1719  -0.2451 -0.1255 2016 HOH A O     
279 O  O     . HOH F . ? 0.3674 0.1383 0.6155 -0.1112 -0.3314 0.1728  2017 HOH A O     
280 O  O     . HOH F . ? 0.2991 0.3428 0.6797 -0.0046 0.0077  -0.0586 2018 HOH A O     
281 O  O     . HOH F . ? 0.1234 0.1232 0.1190 0.0089  0.0064  0.0063  2019 HOH A O     
282 O  O     . HOH F . ? 0.2124 0.4049 0.5441 0.1651  0.0046  -0.2021 2020 HOH A O     
283 O  O     . HOH F . ? 0.2043 0.1581 0.1906 -0.0008 -0.0444 -0.0232 2021 HOH A O     
284 O  O     . HOH F . ? 0.3752 0.3604 0.3003 0.0336  0.0827  -0.1434 2022 HOH A O     
285 O  O     . HOH F . ? 0.2856 0.5129 0.2006 -0.2446 0.0256  0.0103  2023 HOH A O     
286 O  O     . HOH F . ? 0.3896 0.3874 0.3263 0.1270  0.0911  0.0903  2024 HOH A O     
287 O  O     . HOH F . ? 0.3814 0.1929 0.6281 0.0214  0.1123  -0.0680 2025 HOH A O     
288 O  O     . HOH F . ? 0.2620 0.6005 0.5545 -0.0021 0.0438  0.0361  2026 HOH A O     
289 O  O     . HOH F . ? 0.1985 0.9094 0.2099 0.1152  0.0665  0.0023  2027 HOH A O     
290 O  O     . HOH F . ? 0.5582 0.2343 0.3353 0.0107  0.2397  0.0814  2028 HOH A O     
291 O  O     . HOH F . ? 0.4902 0.3500 0.4442 -0.1392 0.3154  -0.1386 2029 HOH A O     
292 O  O     . HOH F . ? 0.3610 0.4430 0.2681 -0.0396 0.0322  0.0543  2030 HOH A O     
293 O  O     A HOH F . ? 0.2111 0.1619 0.1582 -0.0515 -0.0430 0.0256  2031 HOH A O     
294 O  O     . HOH F . ? 0.2835 0.3206 0.4473 0.0400  0.0902  0.0766  2032 HOH A O     
295 O  O     . HOH F . ? 0.3199 0.5374 0.4061 0.1744  -0.0600 0.0588  2033 HOH A O     
296 O  O     . HOH F . ? 0.3913 0.4585 0.1953 -0.2624 0.0763  -0.0951 2034 HOH A O     
297 O  O     . HOH F . ? 0.3746 0.3427 0.4112 0.0349  0.0712  -0.0728 2035 HOH A O     
298 O  O     . HOH F . ? 0.4101 0.6276 0.4885 -0.1293 0.2746  -0.2371 2036 HOH A O     
299 O  O     . HOH F . ? 0.3820 0.5154 0.3857 -0.1079 0.1677  -0.0340 2037 HOH A O     
300 O  O     . HOH F . ? 0.5768 0.3004 0.2041 -0.1443 0.0181  -0.0129 2038 HOH A O     
301 O  O     . HOH F . ? 0.3913 0.3886 0.4922 -0.1284 0.0533  0.0701  2039 HOH A O     
302 O  O     . HOH F . ? 0.2890 0.4030 0.2390 -0.1441 0.0274  -0.1269 2040 HOH A O     
303 O  O     . HOH F . ? 0.2694 0.2851 0.2290 -0.0240 0.0119  -0.0465 2041 HOH A O     
304 O  O     . HOH F . ? 0.2304 0.6321 0.3562 0.0245  0.0528  -0.1121 2042 HOH A O     
305 O  O     . HOH F . ? 0.2028 0.1670 0.2531 -0.0708 0.0114  -0.0167 2043 HOH A O     
306 O  O     . HOH F . ? 0.6212 0.3964 0.3008 0.2725  0.1421  0.0693  2044 HOH A O     
307 O  O     . HOH F . ? 0.2369 0.2167 0.1883 -0.0992 -0.0005 -0.0330 2045 HOH A O     
308 O  O     . HOH F . ? 0.4855 0.2598 0.1711 -0.0609 0.0422  0.0505  2046 HOH A O     
309 O  O     . HOH F . ? 0.2106 0.1649 0.2370 -0.0584 0.0004  -0.0024 2047 HOH A O     
310 O  O     . HOH F . ? 0.2330 0.6038 0.2993 -0.1417 -0.0758 0.0223  2048 HOH A O     
311 O  O     . HOH F . ? 0.2144 0.3134 0.2841 -0.0359 -0.0266 -0.0243 2049 HOH A O     
312 O  O     . HOH F . ? 0.3220 0.2575 0.2078 -0.1127 0.0533  0.0318  2050 HOH A O     
313 O  O     . HOH F . ? 0.4889 0.3578 0.3688 -0.1430 -0.0519 0.0304  2051 HOH A O     
314 O  O     . HOH F . ? 0.2800 0.3595 0.3422 -0.0957 0.0012  0.1292  2052 HOH A O     
315 O  O     . HOH F . ? 0.2102 0.3710 0.3739 -0.0233 0.1169  -0.0547 2053 HOH A O     
316 O  O     . HOH F . ? 0.5028 0.3767 0.2119 -0.2794 0.0499  -0.0083 2054 HOH A O     
317 O  O     . HOH F . ? 0.3672 0.3446 0.6250 -0.1526 -0.0399 -0.0813 2055 HOH A O     
318 O  O     . HOH F . ? 0.3443 0.1935 0.2120 0.0201  -0.0278 0.0017  2056 HOH A O     
319 O  O     . HOH F . ? 0.4705 0.6696 0.3062 0.0822  -0.0368 0.1951  2057 HOH A O     
320 O  O     . HOH F . ? 0.3108 0.3444 0.4002 0.1338  0.0098  0.0188  2058 HOH A O     
321 O  O     . HOH F . ? 0.3582 0.3294 0.1831 -0.0278 0.0500  -0.0355 2059 HOH A O     
322 O  O     . HOH F . ? 0.1592 0.2866 0.2740 0.0375  -0.0299 -0.1622 2060 HOH A O     
323 O  O     . HOH F . ? 0.2425 0.2171 0.2239 0.0250  -0.0414 -0.0466 2061 HOH A O     
324 O  O     . HOH F . ? 0.1896 0.5198 0.4207 -0.0953 -0.1189 0.0781  2062 HOH A O     
325 O  O     B HOH F . ? 0.2793 0.4016 0.1336 -0.2245 0.0404  -0.0628 2063 HOH A O     
326 O  O     . HOH F . ? 0.2540 0.1670 0.1970 -0.0394 -0.0205 0.0166  2064 HOH A O     
327 O  O     . HOH F . ? 0.2874 0.2896 0.2096 -0.0108 0.0161  -0.0643 2065 HOH A O     
328 O  O     . HOH F . ? 0.1479 0.1187 0.1500 -0.0107 -0.0041 0.0044  2066 HOH A O     
329 O  O     . HOH F . ? 0.2251 0.3818 0.6032 0.0112  0.0887  0.0144  2067 HOH A O     
330 O  O     . HOH F . ? 0.5189 0.3765 0.4216 -0.0546 0.2472  0.0488  2068 HOH A O     
331 O  O     . HOH F . ? 0.2404 0.1455 0.1134 0.0097  0.0046  -0.0063 2069 HOH A O     
332 O  O     . HOH F . ? 0.1636 0.1652 0.2290 0.0004  0.0034  -0.0007 2070 HOH A O     
333 O  O     . HOH G . ? 0.1625 0.1582 0.1332 -0.0283 -0.0306 0.0126  2001 HOH B O     
334 O  O     . HOH G . ? 0.2818 0.2167 0.2637 0.0194  -0.1085 -0.0087 2002 HOH B O     
335 O  O     . HOH G . ? 0.3073 0.2213 0.3704 -0.0277 -0.0907 -0.0420 2003 HOH B O     
336 O  O     . HOH G . ? 0.2372 0.2415 0.2447 -0.0628 0.0599  -0.0561 2004 HOH B O     
337 O  O     . HOH G . ? 0.3664 0.2251 0.3158 -0.0915 0.0680  -0.0046 2005 HOH B O     
338 O  O     . HOH G . ? 0.2459 0.3456 0.2627 -0.1278 -0.0431 0.0419  2006 HOH B O     
339 O  O     . HOH G . ? 0.4297 0.1978 0.2526 -0.0261 -0.0255 0.0355  2007 HOH B O     
340 O  O     . HOH G . ? 0.3957 0.3748 0.4168 -0.1392 -0.0018 0.0079  2008 HOH B O     
341 O  O     . HOH G . ? 0.2983 0.4010 0.2933 -0.1246 -0.0855 0.0109  2009 HOH B O     
342 O  O     . HOH G . ? 0.3085 0.2376 0.4435 -0.0245 -0.1007 0.0103  2010 HOH B O     
# 
